data_4YY1
#
_entry.id   4YY1
#
_cell.length_a   97.060
_cell.length_b   97.060
_cell.length_c   131.649
_cell.angle_alpha   90.00
_cell.angle_beta   90.00
_cell.angle_gamma   120.00
#
_symmetry.space_group_name_H-M   'P 3'
#
loop_
_entity.id
_entity.type
_entity.pdbx_description
1 polymer HA1
2 polymer HA2
3 branched 2-acetamido-2-deoxy-beta-D-glucopyranose-(1-4)-2-acetamido-2-deoxy-beta-D-glucopyranose
4 branched 'N-acetyl-alpha-neuraminic acid-(2-6)-beta-D-galactopyranose'
5 non-polymer 2-acetamido-2-deoxy-beta-D-glucopyranose
#
loop_
_entity_poly.entity_id
_entity_poly.type
_entity_poly.pdbx_seq_one_letter_code
_entity_poly.pdbx_strand_id
1 'polypeptide(L)'
;DKICIGYHANNSTTQVDTLLEKNVTVTHSVELLENQKEKRFCKIMNKAPLDLKDCTIEGWILGNPKCDLLLGDQSWSYIV
ERPNAQNGICYPGVLNELEELKAFIGSGERVERFEMFPKSTWAGVDTSRGVTNACPSYTLDSSFYRNLVWLVKTDSATYP
VIKGTYNNTGTQPILYFWGVHHPPDTTVQDNLYGSGDKYVRMGTESMNFAKSPEIAARPAVNGQRSRIDYYWSVLRPGET
LNVESNGNLIAPWYAYKFVSTNKKGAVFKSDLPIENCDATCQTIAGVLKTNKTFQNVSPLWIGECPKYVKSESLRLATGL
RNVPQ
;
A,C
2 'polypeptide(L)'
;GIFGAIAGFIEGGWTGMIDGWYGYHHENSQGSGYAADRESTQKAIDGITNKVNSIINKMNTQFEAVDHEFSNLERRIGNL
NKRMEDGFLDVWTYNAELLVLLENERTLDLHDANVKNLYEKVKSQLRDNANDLGNGCFEFWHKCDNECMESVKNGTYDYP
KYQK
;
B,D
#
# COMPACT_ATOMS: atom_id res chain seq x y z
N ASP A 1 55.47 -47.96 40.45
CA ASP A 1 54.74 -46.73 40.13
C ASP A 1 55.12 -46.19 38.75
N LYS A 2 54.13 -45.66 38.05
CA LYS A 2 54.34 -45.09 36.72
C LYS A 2 53.22 -44.13 36.32
N ILE A 3 53.38 -43.47 35.18
CA ILE A 3 52.35 -42.57 34.65
C ILE A 3 52.48 -42.45 33.13
N CYS A 4 51.35 -42.33 32.44
CA CYS A 4 51.34 -42.28 30.98
C CYS A 4 50.62 -41.06 30.42
N ILE A 5 51.06 -40.62 29.24
CA ILE A 5 50.46 -39.48 28.54
C ILE A 5 49.80 -39.97 27.26
N GLY A 6 48.59 -39.47 26.97
CA GLY A 6 47.86 -39.89 25.79
C GLY A 6 46.72 -38.98 25.38
N TYR A 7 45.85 -39.49 24.52
CA TYR A 7 44.78 -38.68 23.95
C TYR A 7 43.43 -39.40 23.86
N HIS A 8 42.39 -38.62 23.58
CA HIS A 8 41.01 -39.11 23.55
C HIS A 8 40.73 -40.05 22.37
N ALA A 9 39.67 -40.85 22.51
CA ALA A 9 39.15 -41.69 21.43
C ALA A 9 37.72 -42.09 21.76
N ASN A 10 36.97 -42.56 20.76
CA ASN A 10 35.59 -42.98 21.00
C ASN A 10 34.99 -43.87 19.91
N ASN A 11 33.67 -44.07 20.01
CA ASN A 11 32.94 -44.96 19.10
C ASN A 11 32.61 -44.32 17.75
N SER A 12 33.04 -43.08 17.56
CA SER A 12 32.71 -42.32 16.36
C SER A 12 33.37 -42.87 15.10
N THR A 13 32.60 -42.94 14.02
CA THR A 13 33.12 -43.40 12.73
C THR A 13 32.97 -42.31 11.66
N THR A 14 32.82 -41.06 12.10
CA THR A 14 32.68 -39.91 11.22
C THR A 14 34.00 -39.56 10.52
N GLN A 15 33.97 -39.48 9.19
CA GLN A 15 35.18 -39.26 8.40
C GLN A 15 35.27 -37.91 7.68
N VAL A 16 36.49 -37.40 7.56
CA VAL A 16 36.76 -36.15 6.85
C VAL A 16 37.86 -36.35 5.81
N ASP A 17 38.15 -35.31 5.04
CA ASP A 17 39.25 -35.34 4.07
C ASP A 17 40.25 -34.22 4.34
N THR A 18 41.52 -34.48 4.06
CA THR A 18 42.54 -33.44 4.07
C THR A 18 43.26 -33.44 2.75
N LEU A 19 44.22 -32.53 2.58
CA LEU A 19 45.03 -32.50 1.37
C LEU A 19 45.86 -33.79 1.28
N LEU A 20 46.47 -34.16 2.39
CA LEU A 20 47.34 -35.34 2.44
C LEU A 20 46.57 -36.66 2.44
N GLU A 21 45.37 -36.64 3.00
CA GLU A 21 44.67 -37.90 3.28
C GLU A 21 43.16 -37.79 3.11
N LYS A 22 42.56 -38.83 2.53
CA LYS A 22 41.11 -38.93 2.42
C LYS A 22 40.58 -39.98 3.40
N ASN A 23 39.27 -39.96 3.63
CA ASN A 23 38.59 -40.92 4.51
C ASN A 23 39.29 -41.11 5.85
N VAL A 24 39.30 -40.06 6.67
CA VAL A 24 39.99 -40.11 7.95
C VAL A 24 39.02 -39.93 9.11
N THR A 25 38.93 -40.95 9.96
CA THR A 25 37.99 -40.96 11.08
C THR A 25 38.46 -40.07 12.23
N VAL A 26 37.55 -39.22 12.72
CA VAL A 26 37.87 -38.31 13.81
C VAL A 26 36.85 -38.37 14.95
N THR A 27 37.21 -37.79 16.08
CA THR A 27 36.39 -37.85 17.29
C THR A 27 35.19 -36.90 17.25
N HIS A 28 35.43 -35.65 16.85
CA HIS A 28 34.37 -34.67 16.78
C HIS A 28 34.52 -33.78 15.55
N SER A 29 33.50 -33.80 14.69
CA SER A 29 33.49 -32.95 13.50
C SER A 29 32.14 -32.26 13.39
N VAL A 30 32.03 -31.36 12.41
CA VAL A 30 30.80 -30.61 12.21
C VAL A 30 30.50 -30.45 10.72
N GLU A 31 29.22 -30.57 10.35
CA GLU A 31 28.81 -30.41 8.96
C GLU A 31 28.33 -28.99 8.68
N LEU A 32 29.01 -28.30 7.77
CA LEU A 32 28.70 -26.92 7.43
C LEU A 32 27.69 -26.80 6.29
N LEU A 33 27.49 -27.90 5.56
CA LEU A 33 26.64 -27.88 4.37
C LEU A 33 25.29 -28.54 4.60
N GLU A 34 24.21 -27.81 4.27
CA GLU A 34 22.87 -28.35 4.37
C GLU A 34 22.41 -28.89 3.02
N ASN A 35 21.82 -30.08 3.03
CA ASN A 35 21.31 -30.68 1.81
C ASN A 35 19.83 -31.08 1.91
N GLN A 36 19.22 -30.74 3.03
CA GLN A 36 17.82 -31.09 3.27
C GLN A 36 16.88 -29.91 3.03
N LYS A 37 15.82 -30.17 2.26
CA LYS A 37 14.82 -29.15 1.97
C LYS A 37 13.39 -29.69 2.09
N GLU A 38 12.47 -28.82 2.51
CA GLU A 38 11.06 -29.16 2.60
C GLU A 38 10.37 -28.70 1.32
N LYS A 39 10.10 -29.62 0.40
CA LYS A 39 9.57 -29.25 -0.92
C LYS A 39 8.20 -28.56 -0.87
N ARG A 40 8.20 -27.29 -0.46
CA ARG A 40 6.99 -26.50 -0.38
C ARG A 40 7.29 -25.00 -0.31
N PHE A 41 6.27 -24.19 -0.58
CA PHE A 41 6.38 -22.74 -0.48
C PHE A 41 5.69 -22.22 0.78
N CYS A 42 6.45 -21.52 1.61
CA CYS A 42 5.91 -21.02 2.87
C CYS A 42 5.82 -19.50 2.91
N LYS A 43 5.40 -18.97 4.07
CA LYS A 43 5.30 -17.53 4.25
C LYS A 43 6.65 -16.94 4.62
N ILE A 44 6.91 -15.74 4.13
CA ILE A 44 8.13 -15.01 4.43
C ILE A 44 7.75 -13.72 5.14
N MET A 45 8.41 -13.44 6.27
CA MET A 45 8.11 -12.26 7.07
C MET A 45 6.63 -12.25 7.45
N ASN A 46 6.09 -13.45 7.68
CA ASN A 46 4.67 -13.66 7.96
C ASN A 46 3.77 -13.16 6.84
N LYS A 47 4.34 -12.98 5.65
CA LYS A 47 3.57 -12.59 4.49
C LYS A 47 3.56 -13.74 3.49
N ALA A 48 2.40 -13.99 2.88
CA ALA A 48 2.23 -15.13 1.99
C ALA A 48 2.45 -14.75 0.53
N PRO A 49 2.99 -15.69 -0.27
CA PRO A 49 3.24 -15.45 -1.70
C PRO A 49 1.96 -15.37 -2.51
N LEU A 50 2.12 -15.20 -3.82
CA LEU A 50 0.97 -15.08 -4.71
C LEU A 50 0.92 -16.23 -5.72
N ASP A 51 -0.06 -17.13 -5.57
CA ASP A 51 -0.22 -18.24 -6.49
C ASP A 51 -1.02 -17.79 -7.70
N LEU A 52 -0.35 -17.67 -8.84
CA LEU A 52 -1.00 -17.22 -10.08
C LEU A 52 -1.87 -18.31 -10.68
N LYS A 53 -1.73 -19.53 -10.16
CA LYS A 53 -2.52 -20.68 -10.58
C LYS A 53 -2.51 -20.91 -12.09
N ASP A 54 -3.68 -21.02 -12.70
CA ASP A 54 -3.76 -21.30 -14.13
C ASP A 54 -3.63 -20.03 -14.95
N CYS A 55 -3.00 -19.01 -14.36
CA CYS A 55 -2.75 -17.75 -15.05
C CYS A 55 -1.26 -17.44 -15.10
N THR A 56 -0.82 -16.85 -16.21
CA THR A 56 0.54 -16.33 -16.30
C THR A 56 0.53 -14.86 -15.91
N ILE A 57 1.72 -14.30 -15.68
CA ILE A 57 1.87 -12.91 -15.28
C ILE A 57 1.15 -11.97 -16.26
N GLU A 58 1.25 -12.27 -17.54
CA GLU A 58 0.55 -11.50 -18.56
C GLU A 58 -0.95 -11.52 -18.36
N GLY A 59 -1.52 -12.73 -18.25
CA GLY A 59 -2.97 -12.89 -18.13
C GLY A 59 -3.50 -12.33 -16.84
N TRP A 60 -2.72 -12.45 -15.78
CA TRP A 60 -3.04 -11.83 -14.50
C TRP A 60 -3.11 -10.32 -14.66
N ILE A 61 -1.99 -9.74 -15.07
CA ILE A 61 -1.84 -8.28 -15.04
C ILE A 61 -2.64 -7.54 -16.12
N LEU A 62 -3.04 -8.25 -17.17
CA LEU A 62 -3.82 -7.64 -18.24
C LEU A 62 -5.31 -7.84 -18.00
N GLY A 63 -5.63 -8.61 -16.97
CA GLY A 63 -7.02 -8.87 -16.64
C GLY A 63 -7.70 -9.81 -17.60
N ASN A 64 -7.07 -10.95 -17.87
CA ASN A 64 -7.71 -12.03 -18.61
C ASN A 64 -8.93 -12.55 -17.86
N PRO A 65 -10.07 -12.69 -18.56
CA PRO A 65 -11.35 -13.03 -17.93
C PRO A 65 -11.31 -14.35 -17.14
N LYS A 66 -10.40 -15.25 -17.48
CA LYS A 66 -10.27 -16.51 -16.76
C LYS A 66 -9.29 -16.37 -15.59
N CYS A 67 -8.86 -15.14 -15.33
CA CYS A 67 -7.96 -14.86 -14.23
C CYS A 67 -8.66 -13.91 -13.27
N ASP A 68 -10.00 -13.95 -13.28
CA ASP A 68 -10.80 -13.10 -12.41
C ASP A 68 -10.64 -13.49 -10.94
N LEU A 69 -10.13 -14.69 -10.71
CA LEU A 69 -9.80 -15.14 -9.37
C LEU A 69 -8.70 -14.26 -8.76
N LEU A 70 -7.89 -13.66 -9.61
CA LEU A 70 -6.77 -12.85 -9.14
C LEU A 70 -7.13 -11.36 -9.14
N LEU A 71 -8.29 -11.03 -9.70
CA LEU A 71 -8.70 -9.63 -9.84
C LEU A 71 -8.74 -8.88 -8.52
N GLY A 72 -8.38 -7.61 -8.54
CA GLY A 72 -8.38 -6.80 -7.34
C GLY A 72 -6.99 -6.66 -6.73
N ASP A 73 -6.95 -6.26 -5.47
CA ASP A 73 -5.69 -6.02 -4.77
C ASP A 73 -4.94 -7.30 -4.46
N GLN A 74 -3.61 -7.22 -4.50
CA GLN A 74 -2.77 -8.33 -4.10
C GLN A 74 -1.59 -7.86 -3.26
N SER A 75 -1.10 -8.74 -2.38
CA SER A 75 0.10 -8.48 -1.60
C SER A 75 0.89 -9.77 -1.48
N TRP A 76 2.19 -9.70 -1.72
CA TRP A 76 2.99 -10.90 -1.74
C TRP A 76 4.39 -10.71 -1.20
N SER A 77 4.94 -11.77 -0.62
CA SER A 77 6.34 -11.82 -0.29
C SER A 77 7.10 -12.18 -1.57
N TYR A 78 6.51 -13.09 -2.35
CA TYR A 78 7.06 -13.47 -3.65
C TYR A 78 5.96 -14.00 -4.57
N ILE A 79 6.31 -14.34 -5.80
CA ILE A 79 5.30 -14.73 -6.77
C ILE A 79 5.54 -16.16 -7.28
N VAL A 80 4.48 -16.94 -7.39
CA VAL A 80 4.59 -18.29 -7.94
C VAL A 80 3.76 -18.45 -9.21
N GLU A 81 4.45 -18.59 -10.34
CA GLU A 81 3.81 -18.82 -11.62
C GLU A 81 3.90 -20.30 -11.94
N ARG A 82 2.81 -20.86 -12.44
CA ARG A 82 2.74 -22.30 -12.66
C ARG A 82 3.23 -22.71 -14.06
N PRO A 83 4.11 -23.73 -14.09
CA PRO A 83 4.82 -24.23 -15.28
C PRO A 83 3.95 -24.39 -16.53
N ASN A 84 2.69 -24.74 -16.35
CA ASN A 84 1.80 -24.91 -17.50
C ASN A 84 0.50 -24.12 -17.40
N ALA A 85 0.56 -22.96 -16.77
CA ALA A 85 -0.59 -22.07 -16.71
C ALA A 85 -1.04 -21.70 -18.12
N GLN A 86 -2.34 -21.78 -18.36
CA GLN A 86 -2.89 -21.64 -19.69
C GLN A 86 -3.39 -20.23 -20.00
N ASN A 87 -3.67 -19.45 -18.96
CA ASN A 87 -4.33 -18.16 -19.15
C ASN A 87 -3.41 -16.95 -19.11
N GLY A 88 -3.00 -16.51 -20.29
CA GLY A 88 -2.18 -15.33 -20.44
C GLY A 88 -2.82 -14.38 -21.45
N ILE A 89 -2.07 -14.03 -22.50
CA ILE A 89 -2.56 -13.12 -23.53
C ILE A 89 -3.46 -13.86 -24.52
N CYS A 90 -4.77 -13.70 -24.36
CA CYS A 90 -5.73 -14.48 -25.15
C CYS A 90 -5.87 -13.98 -26.59
N TYR A 91 -5.92 -12.67 -26.79
CA TYR A 91 -5.96 -12.10 -28.13
C TYR A 91 -4.53 -11.92 -28.61
N PRO A 92 -4.19 -12.53 -29.76
CA PRO A 92 -2.82 -12.62 -30.25
C PRO A 92 -2.12 -11.27 -30.37
N GLY A 93 -0.89 -11.21 -29.90
CA GLY A 93 -0.10 -10.00 -29.99
C GLY A 93 1.12 -10.05 -29.09
N VAL A 94 1.88 -8.95 -29.06
CA VAL A 94 3.09 -8.92 -28.26
C VAL A 94 3.05 -7.84 -27.18
N LEU A 95 3.40 -8.23 -25.96
CA LEU A 95 3.55 -7.28 -24.86
C LEU A 95 4.97 -6.72 -24.88
N ASN A 96 5.13 -5.55 -25.48
CA ASN A 96 6.42 -4.89 -25.57
C ASN A 96 7.13 -4.83 -24.22
N GLU A 97 8.43 -5.10 -24.23
CA GLU A 97 9.26 -5.06 -23.03
C GLU A 97 8.76 -5.97 -21.91
N LEU A 98 8.25 -7.15 -22.29
CA LEU A 98 7.70 -8.10 -21.32
C LEU A 98 8.69 -8.50 -20.24
N GLU A 99 9.94 -8.73 -20.63
CA GLU A 99 10.95 -9.19 -19.68
C GLU A 99 11.19 -8.16 -18.59
N GLU A 100 11.34 -6.90 -19.00
CA GLU A 100 11.47 -5.79 -18.07
C GLU A 100 10.24 -5.64 -17.18
N LEU A 101 9.07 -5.88 -17.75
CA LEU A 101 7.82 -5.84 -16.97
C LEU A 101 7.84 -6.88 -15.87
N LYS A 102 8.28 -8.09 -16.20
CA LYS A 102 8.44 -9.15 -15.21
C LYS A 102 9.46 -8.78 -14.15
N ALA A 103 10.55 -8.15 -14.56
CA ALA A 103 11.56 -7.72 -13.58
C ALA A 103 10.98 -6.69 -12.60
N PHE A 104 10.19 -5.78 -13.16
CA PHE A 104 9.56 -4.72 -12.39
C PHE A 104 8.50 -5.21 -11.41
N ILE A 105 7.60 -6.07 -11.88
CA ILE A 105 6.60 -6.69 -11.03
C ILE A 105 7.30 -7.54 -9.97
N GLY A 106 8.42 -8.14 -10.36
CA GLY A 106 9.22 -8.90 -9.42
C GLY A 106 9.69 -8.02 -8.27
N SER A 107 10.15 -6.81 -8.60
CA SER A 107 10.60 -5.87 -7.57
C SER A 107 9.43 -5.21 -6.84
N GLY A 108 8.33 -5.94 -6.72
CA GLY A 108 7.12 -5.39 -6.13
C GLY A 108 6.72 -6.04 -4.83
N GLU A 109 5.63 -5.54 -4.26
CA GLU A 109 5.17 -6.01 -2.97
C GLU A 109 3.65 -6.06 -2.92
N ARG A 110 3.02 -5.14 -3.63
CA ARG A 110 1.57 -5.00 -3.56
C ARG A 110 1.05 -4.19 -4.75
N VAL A 111 -0.17 -4.50 -5.20
CA VAL A 111 -0.86 -3.66 -6.16
C VAL A 111 -2.28 -3.35 -5.67
N GLU A 112 -2.82 -2.21 -6.11
CA GLU A 112 -4.20 -1.87 -5.83
C GLU A 112 -4.89 -1.52 -7.13
N ARG A 113 -5.82 -2.34 -7.57
CA ARG A 113 -6.52 -2.07 -8.82
C ARG A 113 -7.46 -0.88 -8.65
N PHE A 114 -7.54 -0.04 -9.67
CA PHE A 114 -8.51 1.06 -9.68
C PHE A 114 -8.90 1.45 -11.11
N GLU A 115 -10.02 2.16 -11.24
CA GLU A 115 -10.44 2.65 -12.54
C GLU A 115 -9.72 3.96 -12.86
N MET A 116 -8.97 3.96 -13.96
CA MET A 116 -8.15 5.10 -14.33
C MET A 116 -8.83 5.91 -15.42
N PHE A 117 -9.63 5.23 -16.23
CA PHE A 117 -10.36 5.87 -17.32
C PHE A 117 -11.71 5.22 -17.53
N PRO A 118 -12.77 5.82 -16.99
CA PRO A 118 -14.14 5.33 -17.24
C PRO A 118 -14.48 5.45 -18.70
N LYS A 119 -15.39 4.60 -19.19
CA LYS A 119 -15.69 4.53 -20.62
C LYS A 119 -16.27 5.83 -21.18
N SER A 120 -16.62 6.75 -20.28
CA SER A 120 -17.13 8.06 -20.66
C SER A 120 -15.99 9.02 -21.01
N THR A 121 -14.76 8.62 -20.71
CA THR A 121 -13.60 9.42 -21.05
C THR A 121 -13.43 9.50 -22.56
N TRP A 122 -14.00 8.51 -23.23
CA TRP A 122 -13.93 8.40 -24.68
C TRP A 122 -15.28 8.75 -25.29
N ALA A 123 -15.35 9.96 -25.85
CA ALA A 123 -16.61 10.55 -26.26
C ALA A 123 -16.96 10.26 -27.72
N GLY A 124 -18.22 9.86 -27.95
CA GLY A 124 -18.73 9.70 -29.29
C GLY A 124 -18.25 8.44 -30.01
N VAL A 125 -17.96 7.40 -29.23
CA VAL A 125 -17.60 6.10 -29.79
C VAL A 125 -18.36 4.99 -29.09
N ASP A 126 -18.11 3.75 -29.48
CA ASP A 126 -18.82 2.63 -28.89
C ASP A 126 -17.94 1.84 -27.92
N THR A 127 -18.15 2.10 -26.63
CA THR A 127 -17.33 1.48 -25.60
C THR A 127 -17.99 0.23 -25.02
N SER A 128 -18.93 -0.35 -25.76
CA SER A 128 -19.66 -1.51 -25.24
C SER A 128 -19.85 -2.61 -26.28
N ARG A 129 -18.96 -2.67 -27.27
CA ARG A 129 -18.99 -3.73 -28.26
C ARG A 129 -17.61 -4.38 -28.39
N GLY A 130 -16.69 -3.91 -27.55
CA GLY A 130 -15.30 -4.37 -27.63
C GLY A 130 -15.07 -5.78 -27.12
N VAL A 131 -15.60 -6.77 -27.82
CA VAL A 131 -15.43 -8.18 -27.45
C VAL A 131 -14.91 -9.05 -28.58
N THR A 132 -14.56 -10.29 -28.24
CA THR A 132 -13.97 -11.23 -29.19
C THR A 132 -14.06 -12.66 -28.67
N ASN A 133 -14.20 -13.64 -29.56
CA ASN A 133 -14.28 -15.03 -29.12
C ASN A 133 -12.92 -15.59 -28.72
N ALA A 134 -11.89 -14.75 -28.88
CA ALA A 134 -10.53 -15.13 -28.55
C ALA A 134 -10.29 -14.97 -27.05
N CYS A 135 -11.07 -14.12 -26.41
CA CYS A 135 -10.93 -13.85 -24.98
C CYS A 135 -12.19 -14.15 -24.18
N PRO A 136 -12.54 -15.44 -24.05
CA PRO A 136 -13.77 -15.78 -23.34
C PRO A 136 -13.59 -15.77 -21.83
N SER A 137 -14.67 -15.54 -21.10
CA SER A 137 -14.67 -15.75 -19.66
C SER A 137 -15.23 -17.13 -19.41
N TYR A 138 -15.27 -17.55 -18.15
CA TYR A 138 -15.78 -18.86 -17.80
C TYR A 138 -17.30 -18.97 -18.01
N THR A 139 -17.93 -17.86 -18.38
CA THR A 139 -19.38 -17.82 -18.48
C THR A 139 -19.92 -17.43 -19.87
N LEU A 140 -19.06 -16.88 -20.72
CA LEU A 140 -19.49 -16.55 -22.09
C LEU A 140 -18.35 -16.62 -23.12
N ASP A 141 -18.72 -16.87 -24.38
CA ASP A 141 -17.75 -17.16 -25.42
C ASP A 141 -17.06 -15.95 -26.04
N SER A 142 -17.46 -14.75 -25.64
CA SER A 142 -16.86 -13.55 -26.20
C SER A 142 -16.83 -12.37 -25.24
N SER A 143 -15.65 -12.11 -24.69
CA SER A 143 -15.43 -10.96 -23.81
C SER A 143 -14.14 -10.26 -24.22
N PHE A 144 -13.38 -9.79 -23.22
CA PHE A 144 -12.12 -9.08 -23.45
C PHE A 144 -11.44 -8.90 -22.10
N TYR A 145 -10.30 -8.22 -22.10
CA TYR A 145 -9.54 -8.00 -20.86
C TYR A 145 -10.29 -7.08 -19.88
N ARG A 146 -10.07 -7.30 -18.59
CA ARG A 146 -10.76 -6.54 -17.55
C ARG A 146 -10.15 -5.15 -17.36
N ASN A 147 -8.91 -4.97 -17.78
CA ASN A 147 -8.20 -3.72 -17.58
C ASN A 147 -8.10 -2.86 -18.83
N LEU A 148 -8.55 -3.40 -19.96
CA LEU A 148 -8.51 -2.65 -21.19
C LEU A 148 -9.93 -2.48 -21.72
N VAL A 149 -10.08 -1.59 -22.70
CA VAL A 149 -11.36 -1.41 -23.39
C VAL A 149 -11.13 -1.18 -24.88
N TRP A 150 -11.89 -1.89 -25.71
CA TRP A 150 -11.71 -1.86 -27.15
C TRP A 150 -12.71 -0.89 -27.79
N LEU A 151 -12.21 0.27 -28.20
CA LEU A 151 -13.07 1.32 -28.71
C LEU A 151 -13.33 1.18 -30.22
N VAL A 152 -14.61 1.20 -30.58
CA VAL A 152 -15.03 1.05 -31.97
C VAL A 152 -15.98 2.19 -32.34
N LYS A 153 -15.96 2.62 -33.60
CA LYS A 153 -16.79 3.73 -34.06
C LYS A 153 -18.27 3.45 -33.84
N THR A 154 -19.04 4.51 -33.59
CA THR A 154 -20.47 4.37 -33.31
C THR A 154 -21.18 3.74 -34.51
N ASP A 155 -22.28 3.06 -34.26
CA ASP A 155 -22.95 2.20 -35.25
C ASP A 155 -23.41 2.90 -36.53
N SER A 156 -22.57 3.78 -37.07
CA SER A 156 -22.83 4.50 -38.32
C SER A 156 -21.69 5.46 -38.63
N ALA A 157 -21.61 6.54 -37.83
CA ALA A 157 -20.68 7.63 -38.05
C ALA A 157 -19.22 7.22 -37.94
N THR A 158 -18.33 8.17 -38.25
CA THR A 158 -16.89 7.89 -38.23
C THR A 158 -16.30 7.99 -36.82
N TYR A 159 -14.98 7.79 -36.76
CA TYR A 159 -14.25 7.76 -35.51
C TYR A 159 -13.72 9.16 -35.19
N PRO A 160 -14.30 9.81 -34.17
CA PRO A 160 -13.85 11.15 -33.76
C PRO A 160 -12.58 11.06 -32.94
N VAL A 161 -11.79 12.13 -32.90
CA VAL A 161 -10.63 12.18 -32.03
C VAL A 161 -11.10 12.12 -30.59
N ILE A 162 -10.52 11.22 -29.81
CA ILE A 162 -10.88 11.09 -28.42
C ILE A 162 -9.68 11.35 -27.50
N LYS A 163 -9.97 12.01 -26.37
CA LYS A 163 -8.94 12.41 -25.43
C LYS A 163 -9.27 11.90 -24.03
N GLY A 164 -8.22 11.71 -23.24
CA GLY A 164 -8.35 11.29 -21.86
C GLY A 164 -7.19 11.84 -21.05
N THR A 165 -7.41 12.06 -19.76
CA THR A 165 -6.36 12.60 -18.90
C THR A 165 -6.42 12.01 -17.50
N TYR A 166 -5.25 11.64 -16.97
CA TYR A 166 -5.18 11.26 -15.56
C TYR A 166 -4.00 11.91 -14.83
N ASN A 167 -4.30 12.82 -13.91
CA ASN A 167 -3.29 13.49 -13.09
C ASN A 167 -3.01 12.65 -11.85
N ASN A 168 -1.86 11.97 -11.82
CA ASN A 168 -1.48 11.21 -10.61
C ASN A 168 -1.08 12.14 -9.47
N THR A 169 -2.07 12.56 -8.69
CA THR A 169 -1.86 13.47 -7.58
C THR A 169 -1.51 12.69 -6.31
N GLY A 170 -1.42 11.37 -6.44
CA GLY A 170 -1.13 10.50 -5.31
C GLY A 170 0.34 10.33 -5.03
N THR A 171 0.66 9.53 -4.01
CA THR A 171 2.04 9.32 -3.59
C THR A 171 2.65 8.03 -4.12
N GLN A 172 1.86 7.29 -4.90
CA GLN A 172 2.29 5.98 -5.40
C GLN A 172 2.32 5.93 -6.92
N PRO A 173 3.27 5.17 -7.50
CA PRO A 173 3.40 5.00 -8.95
C PRO A 173 2.26 4.15 -9.52
N ILE A 174 1.90 4.40 -10.78
CA ILE A 174 0.78 3.73 -11.41
C ILE A 174 1.20 2.87 -12.61
N LEU A 175 1.11 1.55 -12.46
CA LEU A 175 1.37 0.66 -13.57
C LEU A 175 0.11 0.61 -14.43
N TYR A 176 0.26 0.83 -15.73
CA TYR A 176 -0.90 0.83 -16.62
C TYR A 176 -0.59 0.29 -18.00
N PHE A 177 -1.64 -0.07 -18.73
CA PHE A 177 -1.49 -0.79 -19.99
C PHE A 177 -2.37 -0.23 -21.07
N TRP A 178 -1.89 -0.29 -22.31
CA TRP A 178 -2.72 0.03 -23.45
C TRP A 178 -2.32 -0.82 -24.64
N GLY A 179 -2.84 -0.49 -25.82
CA GLY A 179 -2.56 -1.32 -26.98
C GLY A 179 -2.97 -0.72 -28.30
N VAL A 180 -2.30 -1.16 -29.36
CA VAL A 180 -2.66 -0.78 -30.70
C VAL A 180 -3.17 -2.00 -31.45
N HIS A 181 -4.34 -1.88 -32.05
CA HIS A 181 -4.94 -2.99 -32.79
C HIS A 181 -4.44 -2.99 -34.24
N HIS A 182 -3.93 -4.14 -34.68
CA HIS A 182 -3.46 -4.32 -36.05
C HIS A 182 -4.35 -5.29 -36.82
N PRO A 183 -5.28 -4.76 -37.62
CA PRO A 183 -6.26 -5.50 -38.42
C PRO A 183 -5.60 -6.28 -39.56
N PRO A 184 -6.33 -7.21 -40.21
CA PRO A 184 -5.71 -8.01 -41.27
C PRO A 184 -5.82 -7.44 -42.69
N ASP A 185 -6.79 -6.54 -42.92
CA ASP A 185 -6.97 -5.94 -44.24
C ASP A 185 -7.56 -4.54 -44.13
N THR A 186 -7.92 -3.97 -45.27
CA THR A 186 -8.46 -2.62 -45.31
C THR A 186 -9.93 -2.57 -44.92
N THR A 187 -10.68 -3.59 -45.33
CA THR A 187 -12.12 -3.61 -45.11
C THR A 187 -12.51 -3.81 -43.65
N VAL A 188 -11.70 -4.58 -42.93
CA VAL A 188 -11.90 -4.74 -41.48
C VAL A 188 -11.60 -3.42 -40.78
N GLN A 189 -10.46 -2.83 -41.12
CA GLN A 189 -10.06 -1.53 -40.58
C GLN A 189 -11.16 -0.51 -40.79
N ASP A 190 -11.79 -0.54 -41.96
CA ASP A 190 -12.88 0.38 -42.25
C ASP A 190 -14.14 0.03 -41.47
N ASN A 191 -14.40 -1.27 -41.33
CA ASN A 191 -15.57 -1.76 -40.61
C ASN A 191 -15.54 -1.36 -39.14
N LEU A 192 -14.33 -1.23 -38.59
CA LEU A 192 -14.18 -0.95 -37.18
C LEU A 192 -13.90 0.52 -36.85
N TYR A 193 -13.08 1.18 -37.68
CA TYR A 193 -12.64 2.53 -37.36
C TYR A 193 -12.94 3.57 -38.44
N GLY A 194 -13.34 3.10 -39.61
CA GLY A 194 -13.59 3.99 -40.73
C GLY A 194 -12.30 4.32 -41.47
N SER A 195 -12.42 5.02 -42.59
CA SER A 195 -11.25 5.34 -43.41
C SER A 195 -10.41 6.48 -42.84
N GLY A 196 -9.42 6.92 -43.60
CA GLY A 196 -8.51 7.96 -43.17
C GLY A 196 -7.40 7.41 -42.31
N ASP A 197 -6.24 8.06 -42.36
CA ASP A 197 -5.09 7.63 -41.57
C ASP A 197 -5.37 7.72 -40.08
N LYS A 198 -4.91 6.72 -39.34
CA LYS A 198 -5.18 6.66 -37.90
C LYS A 198 -3.90 6.71 -37.08
N TYR A 199 -4.02 7.23 -35.85
CA TYR A 199 -2.88 7.32 -34.94
C TYR A 199 -3.32 7.05 -33.50
N VAL A 200 -2.35 6.64 -32.69
CA VAL A 200 -2.53 6.50 -31.25
C VAL A 200 -1.36 7.19 -30.56
N ARG A 201 -1.67 8.17 -29.71
CA ARG A 201 -0.62 8.94 -29.06
C ARG A 201 -0.84 9.13 -27.57
N MET A 202 0.25 9.03 -26.81
CA MET A 202 0.18 9.13 -25.36
C MET A 202 1.36 9.90 -24.81
N GLY A 203 1.08 10.93 -24.02
CA GLY A 203 2.13 11.77 -23.48
C GLY A 203 2.11 11.92 -21.97
N THR A 204 3.29 11.84 -21.35
CA THR A 204 3.45 12.22 -19.96
C THR A 204 4.63 13.20 -19.86
N GLU A 205 4.96 13.61 -18.64
CA GLU A 205 6.07 14.53 -18.43
C GLU A 205 7.38 13.95 -18.92
N SER A 206 7.53 12.64 -18.81
CA SER A 206 8.80 11.99 -19.12
C SER A 206 8.65 10.84 -20.11
N MET A 207 7.56 10.82 -20.86
CA MET A 207 7.35 9.77 -21.86
C MET A 207 6.34 10.19 -22.92
N ASN A 208 6.74 10.07 -24.18
CA ASN A 208 5.80 10.21 -25.28
C ASN A 208 5.73 8.92 -26.09
N PHE A 209 4.65 8.79 -26.87
CA PHE A 209 4.36 7.57 -27.58
C PHE A 209 3.46 7.91 -28.76
N ALA A 210 3.83 7.41 -29.93
CA ALA A 210 3.05 7.62 -31.14
C ALA A 210 3.16 6.40 -32.02
N LYS A 211 2.03 5.86 -32.45
CA LYS A 211 2.06 4.71 -33.34
C LYS A 211 0.83 4.63 -34.24
N SER A 212 1.03 4.15 -35.46
CA SER A 212 -0.07 3.94 -36.39
C SER A 212 -0.33 2.45 -36.52
N PRO A 213 -1.44 2.06 -37.17
CA PRO A 213 -1.64 0.63 -37.38
C PRO A 213 -0.64 0.06 -38.39
N GLU A 214 -0.44 -1.25 -38.35
CA GLU A 214 0.44 -1.93 -39.28
C GLU A 214 -0.33 -3.06 -39.94
N ILE A 215 -1.32 -2.69 -40.74
CA ILE A 215 -2.27 -3.63 -41.33
C ILE A 215 -1.64 -4.61 -42.30
N ALA A 216 -1.83 -5.90 -42.02
CA ALA A 216 -1.34 -6.97 -42.87
C ALA A 216 -1.98 -8.30 -42.49
N ALA A 217 -1.82 -9.30 -43.36
CA ALA A 217 -2.38 -10.63 -43.09
C ALA A 217 -1.38 -11.50 -42.31
N ARG A 218 -1.79 -11.94 -41.12
CA ARG A 218 -0.95 -12.79 -40.29
C ARG A 218 -1.55 -14.19 -40.20
N PRO A 219 -0.73 -15.18 -39.80
CA PRO A 219 -1.25 -16.53 -39.58
C PRO A 219 -2.32 -16.55 -38.50
N ALA A 220 -3.28 -17.47 -38.62
CA ALA A 220 -4.34 -17.58 -37.65
C ALA A 220 -3.80 -18.04 -36.30
N VAL A 221 -4.01 -17.23 -35.27
CA VAL A 221 -3.76 -17.61 -33.89
C VAL A 221 -4.99 -17.30 -33.06
N ASN A 222 -5.50 -18.31 -32.37
CA ASN A 222 -6.78 -18.21 -31.65
C ASN A 222 -7.91 -17.71 -32.54
N GLY A 223 -7.87 -18.13 -33.81
CA GLY A 223 -8.91 -17.80 -34.78
C GLY A 223 -8.91 -16.33 -35.16
N GLN A 224 -7.79 -15.66 -34.93
CA GLN A 224 -7.66 -14.25 -35.26
C GLN A 224 -6.46 -14.02 -36.16
N ARG A 225 -6.69 -13.31 -37.26
CA ARG A 225 -5.61 -12.97 -38.19
C ARG A 225 -5.05 -11.59 -37.83
N SER A 226 -5.69 -10.95 -36.86
CA SER A 226 -5.25 -9.64 -36.39
C SER A 226 -4.25 -9.80 -35.25
N ARG A 227 -3.68 -8.69 -34.81
CA ARG A 227 -2.76 -8.69 -33.69
C ARG A 227 -3.05 -7.53 -32.77
N ILE A 228 -2.47 -7.54 -31.57
CA ILE A 228 -2.47 -6.35 -30.72
C ILE A 228 -1.10 -6.12 -30.13
N ASP A 229 -0.57 -4.92 -30.34
CA ASP A 229 0.67 -4.54 -29.69
C ASP A 229 0.33 -3.97 -28.32
N TYR A 230 0.62 -4.74 -27.28
CA TYR A 230 0.33 -4.35 -25.90
C TYR A 230 1.50 -3.54 -25.38
N TYR A 231 1.20 -2.53 -24.57
CA TYR A 231 2.23 -1.67 -23.99
C TYR A 231 1.96 -1.42 -22.52
N TRP A 232 3.03 -1.20 -21.77
CA TRP A 232 2.93 -0.94 -20.35
C TRP A 232 3.81 0.23 -19.93
N SER A 233 3.38 0.97 -18.92
CA SER A 233 4.20 2.05 -18.40
C SER A 233 3.89 2.35 -16.94
N VAL A 234 4.75 3.15 -16.33
CA VAL A 234 4.56 3.59 -14.97
C VAL A 234 4.39 5.11 -14.91
N LEU A 235 3.22 5.55 -14.46
CA LEU A 235 2.96 6.96 -14.24
C LEU A 235 3.42 7.32 -12.84
N ARG A 236 4.49 8.10 -12.75
CA ARG A 236 5.07 8.46 -11.46
C ARG A 236 4.21 9.48 -10.70
N PRO A 237 4.39 9.55 -9.35
CA PRO A 237 3.68 10.57 -8.56
C PRO A 237 3.97 11.98 -9.06
N GLY A 238 2.93 12.67 -9.54
CA GLY A 238 3.10 14.02 -10.03
C GLY A 238 2.98 14.09 -11.54
N GLU A 239 3.35 13.00 -12.20
CA GLU A 239 3.20 12.88 -13.64
C GLU A 239 1.72 12.76 -13.95
N THR A 240 1.33 13.18 -15.15
CA THR A 240 -0.05 13.08 -15.59
C THR A 240 -0.08 12.63 -17.05
N LEU A 241 -1.01 11.74 -17.37
CA LEU A 241 -1.07 11.13 -18.70
C LEU A 241 -2.15 11.71 -19.59
N ASN A 242 -1.74 12.10 -20.80
CA ASN A 242 -2.66 12.50 -21.87
C ASN A 242 -2.77 11.40 -22.92
N VAL A 243 -4.00 10.96 -23.16
CA VAL A 243 -4.29 9.97 -24.19
C VAL A 243 -5.04 10.65 -25.32
N GLU A 244 -4.60 10.44 -26.55
CA GLU A 244 -5.26 11.03 -27.70
C GLU A 244 -5.23 10.06 -28.87
N SER A 245 -6.39 9.72 -29.40
CA SER A 245 -6.43 8.80 -30.54
C SER A 245 -7.63 8.98 -31.44
N ASN A 246 -7.43 8.83 -32.74
CA ASN A 246 -8.51 8.94 -33.71
C ASN A 246 -8.89 7.58 -34.28
N GLY A 247 -8.40 6.52 -33.64
CA GLY A 247 -8.69 5.18 -34.10
C GLY A 247 -7.71 4.11 -33.64
N ASN A 248 -8.16 2.86 -33.69
CA ASN A 248 -7.33 1.69 -33.38
C ASN A 248 -6.78 1.66 -31.97
N LEU A 249 -7.52 2.23 -31.02
CA LEU A 249 -7.04 2.33 -29.64
C LEU A 249 -7.64 1.29 -28.72
N ILE A 250 -6.78 0.45 -28.15
CA ILE A 250 -7.15 -0.39 -27.03
C ILE A 250 -6.81 0.43 -25.79
N ALA A 251 -7.80 1.14 -25.29
CA ALA A 251 -7.59 2.15 -24.25
C ALA A 251 -7.42 1.51 -22.87
N PRO A 252 -6.58 2.12 -22.02
CA PRO A 252 -6.48 1.67 -20.63
C PRO A 252 -7.80 1.92 -19.92
N TRP A 253 -8.18 1.03 -19.03
CA TRP A 253 -9.43 1.17 -18.31
C TRP A 253 -9.11 1.08 -16.83
N TYR A 254 -8.60 -0.07 -16.42
CA TYR A 254 -8.15 -0.25 -15.04
C TYR A 254 -6.63 -0.28 -14.97
N ALA A 255 -6.08 0.29 -13.90
CA ALA A 255 -4.64 0.31 -13.71
C ALA A 255 -4.33 -0.06 -12.26
N TYR A 256 -3.04 -0.19 -11.95
CA TYR A 256 -2.66 -0.59 -10.61
C TYR A 256 -1.83 0.45 -9.90
N LYS A 257 -2.06 0.60 -8.61
CA LYS A 257 -1.20 1.39 -7.74
C LYS A 257 -0.13 0.45 -7.19
N PHE A 258 1.12 0.74 -7.54
CA PHE A 258 2.22 -0.18 -7.30
C PHE A 258 3.06 0.18 -6.08
N VAL A 259 3.53 -0.84 -5.36
CA VAL A 259 4.39 -0.62 -4.20
C VAL A 259 5.76 -1.26 -4.39
N SER A 260 6.79 -0.43 -4.56
CA SER A 260 8.14 -0.90 -4.77
C SER A 260 8.78 -1.38 -3.46
N THR A 261 9.42 -2.54 -3.50
CA THR A 261 9.96 -3.16 -2.29
C THR A 261 11.31 -2.59 -1.83
N ASN A 262 12.15 -2.19 -2.80
CA ASN A 262 13.57 -1.86 -2.57
C ASN A 262 14.44 -3.06 -2.22
N LYS A 263 13.81 -4.14 -1.76
CA LYS A 263 14.49 -5.40 -1.50
C LYS A 263 14.53 -6.24 -2.77
N LYS A 264 14.96 -7.49 -2.63
CA LYS A 264 15.16 -8.35 -3.80
C LYS A 264 13.86 -8.61 -4.56
N GLY A 265 12.99 -9.44 -3.98
CA GLY A 265 11.78 -9.87 -4.67
C GLY A 265 12.08 -10.98 -5.67
N ALA A 266 11.27 -12.04 -5.64
CA ALA A 266 11.53 -13.17 -6.53
C ALA A 266 10.26 -13.67 -7.21
N VAL A 267 10.38 -14.02 -8.49
CA VAL A 267 9.29 -14.65 -9.21
C VAL A 267 9.70 -16.08 -9.60
N PHE A 268 9.05 -17.06 -8.98
CA PHE A 268 9.38 -18.48 -9.17
C PHE A 268 8.45 -19.19 -10.14
N LYS A 269 9.01 -19.80 -11.17
CA LYS A 269 8.26 -20.71 -12.04
C LYS A 269 8.37 -22.13 -11.49
N SER A 270 7.35 -22.55 -10.73
CA SER A 270 7.43 -23.83 -10.03
C SER A 270 6.05 -24.45 -9.80
N ASP A 271 6.02 -25.77 -9.61
CA ASP A 271 4.77 -26.50 -9.39
C ASP A 271 4.61 -26.99 -7.95
N LEU A 272 5.55 -26.62 -7.08
CA LEU A 272 5.50 -26.99 -5.67
C LEU A 272 4.24 -26.41 -5.02
N PRO A 273 3.74 -27.07 -3.96
CA PRO A 273 2.51 -26.57 -3.33
C PRO A 273 2.81 -25.49 -2.30
N ILE A 274 1.89 -24.54 -2.15
CA ILE A 274 2.02 -23.51 -1.12
C ILE A 274 1.21 -23.89 0.10
N GLU A 275 1.89 -24.06 1.23
CA GLU A 275 1.23 -24.52 2.45
C GLU A 275 1.15 -23.44 3.51
N ASN A 276 0.34 -23.66 4.53
CA ASN A 276 0.14 -22.67 5.59
C ASN A 276 1.22 -22.76 6.66
N CYS A 277 2.46 -22.54 6.26
CA CYS A 277 3.60 -22.66 7.15
C CYS A 277 4.45 -21.40 7.10
N ASP A 278 5.45 -21.31 7.97
CA ASP A 278 6.36 -20.16 7.99
C ASP A 278 7.80 -20.57 7.64
N ALA A 279 8.59 -19.60 7.20
CA ALA A 279 9.98 -19.85 6.84
C ALA A 279 10.81 -18.57 6.87
N THR A 280 12.13 -18.72 7.02
CA THR A 280 13.04 -17.59 7.01
C THR A 280 13.93 -17.62 5.77
N CYS A 281 13.90 -18.75 5.07
CA CYS A 281 14.65 -18.92 3.85
C CYS A 281 13.81 -19.73 2.85
N GLN A 282 13.68 -19.21 1.63
CA GLN A 282 12.80 -19.85 0.65
C GLN A 282 13.42 -19.95 -0.73
N THR A 283 13.94 -21.12 -1.08
CA THR A 283 14.48 -21.36 -2.42
C THR A 283 13.38 -21.83 -3.36
N ILE A 284 13.68 -21.84 -4.66
CA ILE A 284 12.72 -22.30 -5.66
C ILE A 284 12.51 -23.81 -5.55
N ALA A 285 13.42 -24.45 -4.83
CA ALA A 285 13.40 -25.90 -4.65
C ALA A 285 12.70 -26.29 -3.35
N GLY A 286 12.55 -25.32 -2.45
CA GLY A 286 11.89 -25.56 -1.19
C GLY A 286 12.42 -24.70 -0.06
N VAL A 287 12.08 -25.08 1.17
CA VAL A 287 12.45 -24.31 2.35
C VAL A 287 13.70 -24.88 3.01
N LEU A 288 14.56 -23.99 3.49
CA LEU A 288 15.71 -24.40 4.30
C LEU A 288 15.58 -23.93 5.75
N LYS A 289 15.41 -24.87 6.67
CA LYS A 289 15.51 -24.57 8.09
C LYS A 289 16.86 -25.02 8.61
N THR A 290 17.85 -24.12 8.57
CA THR A 290 19.19 -24.48 9.00
C THR A 290 19.91 -23.39 9.76
N ASN A 291 20.93 -23.80 10.51
CA ASN A 291 21.86 -22.89 11.14
C ASN A 291 23.22 -23.07 10.49
N LYS A 292 23.25 -23.82 9.40
CA LYS A 292 24.49 -24.11 8.70
C LYS A 292 24.87 -23.01 7.72
N THR A 293 26.14 -23.00 7.34
CA THR A 293 26.69 -21.91 6.52
C THR A 293 26.45 -22.09 5.04
N PHE A 294 26.53 -23.33 4.56
CA PHE A 294 26.40 -23.58 3.14
C PHE A 294 25.14 -24.37 2.82
N GLN A 295 24.87 -24.51 1.53
CA GLN A 295 23.72 -25.29 1.06
C GLN A 295 23.91 -25.68 -0.40
N ASN A 296 23.44 -26.86 -0.77
CA ASN A 296 23.57 -27.31 -2.15
C ASN A 296 22.23 -27.52 -2.83
N VAL A 297 21.20 -26.86 -2.31
CA VAL A 297 19.86 -27.03 -2.86
C VAL A 297 19.63 -26.16 -4.10
N SER A 298 19.68 -24.84 -3.92
CA SER A 298 19.39 -23.95 -5.04
C SER A 298 19.98 -22.54 -4.87
N PRO A 299 20.42 -21.94 -5.99
CA PRO A 299 20.95 -20.56 -5.99
C PRO A 299 19.86 -19.50 -6.04
N LEU A 300 18.63 -19.90 -6.36
CA LEU A 300 17.52 -18.96 -6.45
C LEU A 300 16.68 -18.96 -5.18
N TRP A 301 16.75 -17.87 -4.42
CA TRP A 301 16.00 -17.80 -3.17
C TRP A 301 15.53 -16.40 -2.80
N ILE A 302 14.56 -16.35 -1.90
CA ILE A 302 14.13 -15.11 -1.26
C ILE A 302 14.23 -15.33 0.24
N GLY A 303 14.66 -14.30 0.98
CA GLY A 303 14.89 -14.44 2.40
C GLY A 303 16.36 -14.60 2.74
N GLU A 304 16.64 -15.15 3.92
CA GLU A 304 18.00 -15.28 4.41
C GLU A 304 18.48 -16.72 4.34
N CYS A 305 19.24 -17.05 3.30
CA CYS A 305 19.67 -18.43 3.05
C CYS A 305 21.18 -18.58 3.14
N PRO A 306 21.65 -19.82 3.37
CA PRO A 306 23.09 -20.08 3.35
C PRO A 306 23.68 -19.89 1.96
N LYS A 307 24.99 -19.70 1.87
CA LYS A 307 25.65 -19.53 0.58
C LYS A 307 25.53 -20.80 -0.25
N TYR A 308 24.99 -20.66 -1.46
CA TYR A 308 24.85 -21.81 -2.35
C TYR A 308 26.22 -22.30 -2.84
N VAL A 309 26.35 -23.61 -2.97
CA VAL A 309 27.62 -24.24 -3.30
C VAL A 309 27.35 -25.60 -3.94
N LYS A 310 28.31 -26.11 -4.71
CA LYS A 310 28.09 -27.32 -5.49
C LYS A 310 28.49 -28.60 -4.74
N SER A 311 29.17 -28.43 -3.61
CA SER A 311 29.69 -29.56 -2.84
C SER A 311 28.60 -30.50 -2.31
N GLU A 312 29.00 -31.73 -2.02
CA GLU A 312 28.11 -32.71 -1.41
C GLU A 312 28.20 -32.56 0.10
N SER A 313 29.44 -32.50 0.60
CA SER A 313 29.70 -32.39 2.03
C SER A 313 30.88 -31.48 2.32
N LEU A 314 30.75 -30.68 3.37
CA LEU A 314 31.85 -29.86 3.84
C LEU A 314 32.07 -30.16 5.32
N ARG A 315 32.69 -31.31 5.58
CA ARG A 315 32.94 -31.73 6.94
C ARG A 315 34.17 -31.03 7.49
N LEU A 316 34.04 -30.45 8.68
CA LEU A 316 35.18 -29.80 9.32
C LEU A 316 35.56 -30.51 10.61
N ALA A 317 36.84 -30.86 10.72
CA ALA A 317 37.34 -31.60 11.88
C ALA A 317 37.65 -30.67 13.05
N THR A 318 37.03 -30.95 14.19
CA THR A 318 37.27 -30.17 15.40
C THR A 318 38.06 -30.99 16.41
N GLY A 319 37.82 -32.30 16.42
CA GLY A 319 38.53 -33.20 17.31
C GLY A 319 39.81 -33.73 16.69
N LEU A 320 40.43 -34.71 17.34
CA LEU A 320 41.66 -35.30 16.84
C LEU A 320 41.42 -36.64 16.18
N ARG A 321 42.49 -37.23 15.63
CA ARG A 321 42.41 -38.51 14.94
C ARG A 321 41.99 -39.61 15.91
N ASN A 322 41.04 -40.44 15.48
CA ASN A 322 40.50 -41.49 16.34
C ASN A 322 41.26 -42.80 16.21
N VAL A 323 41.90 -43.23 17.30
CA VAL A 323 42.65 -44.48 17.33
C VAL A 323 42.28 -45.36 18.53
N PRO A 324 41.09 -45.99 18.48
CA PRO A 324 40.73 -46.92 19.54
C PRO A 324 41.34 -48.30 19.30
N GLN A 325 41.53 -49.07 20.36
CA GLN A 325 42.19 -50.37 20.26
C GLN A 325 41.87 -51.25 21.46
N GLY B 1 51.04 -38.08 12.98
CA GLY B 1 51.12 -36.65 12.80
C GLY B 1 52.54 -36.18 12.52
N ILE B 2 52.70 -34.88 12.26
CA ILE B 2 54.00 -34.33 11.92
C ILE B 2 54.87 -34.07 13.15
N PHE B 3 54.26 -34.12 14.33
CA PHE B 3 55.01 -34.01 15.57
C PHE B 3 55.24 -35.42 16.14
N GLY B 4 54.78 -36.42 15.41
CA GLY B 4 55.06 -37.81 15.71
C GLY B 4 54.24 -38.43 16.81
N ALA B 5 53.53 -37.60 17.58
CA ALA B 5 52.79 -38.07 18.75
C ALA B 5 51.61 -38.99 18.41
N ILE B 6 50.50 -38.37 18.02
CA ILE B 6 49.27 -39.10 17.70
C ILE B 6 49.47 -40.14 16.59
N ALA B 7 49.09 -41.39 16.88
CA ALA B 7 49.29 -42.51 15.96
C ALA B 7 50.74 -42.63 15.51
N GLY B 8 51.66 -42.33 16.43
CA GLY B 8 53.09 -42.43 16.16
C GLY B 8 53.80 -43.21 17.26
N PHE B 9 54.52 -42.51 18.12
CA PHE B 9 55.14 -43.17 19.26
C PHE B 9 54.12 -43.41 20.37
N ILE B 10 53.09 -42.58 20.41
CA ILE B 10 51.88 -42.90 21.17
C ILE B 10 50.91 -43.53 20.17
N GLU B 11 51.04 -44.84 20.02
CA GLU B 11 50.42 -45.59 18.93
C GLU B 11 48.88 -45.52 18.88
N GLY B 12 48.26 -45.40 20.04
CA GLY B 12 46.81 -45.43 20.11
C GLY B 12 46.21 -44.43 21.07
N GLY B 13 44.89 -44.45 21.17
CA GLY B 13 44.16 -43.54 22.05
C GLY B 13 43.32 -44.27 23.08
N TRP B 14 42.93 -43.54 24.12
CA TRP B 14 42.22 -44.12 25.26
C TRP B 14 40.73 -43.79 25.21
N THR B 15 39.91 -44.80 24.94
CA THR B 15 38.46 -44.60 24.99
C THR B 15 37.97 -44.48 26.43
N GLY B 16 38.88 -44.69 27.38
CA GLY B 16 38.56 -44.55 28.79
C GLY B 16 38.41 -43.09 29.22
N MET B 17 39.36 -42.26 28.80
CA MET B 17 39.31 -40.83 29.13
C MET B 17 38.20 -40.13 28.35
N ILE B 18 37.15 -39.75 29.06
CA ILE B 18 35.97 -39.16 28.42
C ILE B 18 35.71 -37.73 28.91
N ASP B 19 36.69 -37.14 29.58
CA ASP B 19 36.52 -35.79 30.13
C ASP B 19 37.50 -34.76 29.55
N GLY B 20 38.03 -35.06 28.37
CA GLY B 20 38.93 -34.15 27.69
C GLY B 20 39.57 -34.74 26.45
N TRP B 21 40.44 -33.96 25.81
CA TRP B 21 41.15 -34.41 24.62
C TRP B 21 42.52 -34.98 24.98
N TYR B 22 43.28 -34.23 25.79
CA TYR B 22 44.60 -34.67 26.23
C TYR B 22 44.62 -34.84 27.75
N GLY B 23 45.27 -35.89 28.24
CA GLY B 23 45.28 -36.15 29.67
C GLY B 23 46.27 -37.19 30.21
N TYR B 24 45.86 -37.87 31.29
CA TYR B 24 46.73 -38.77 32.03
C TYR B 24 46.05 -40.07 32.51
N HIS B 25 46.85 -41.13 32.56
CA HIS B 25 46.53 -42.40 33.21
C HIS B 25 47.70 -42.63 34.17
N HIS B 26 47.43 -42.53 35.47
CA HIS B 26 48.46 -42.74 36.48
C HIS B 26 48.33 -44.16 37.02
N GLU B 27 49.32 -44.59 37.81
CA GLU B 27 49.31 -45.94 38.36
C GLU B 27 50.15 -46.03 39.63
N ASN B 28 49.49 -46.22 40.76
CA ASN B 28 50.20 -46.32 42.04
C ASN B 28 49.53 -47.25 43.04
N SER B 29 49.71 -46.96 44.32
CA SER B 29 49.23 -47.82 45.39
C SER B 29 47.73 -47.65 45.67
N GLN B 30 47.22 -46.44 45.53
CA GLN B 30 45.80 -46.17 45.80
C GLN B 30 44.90 -46.60 44.64
N GLY B 31 45.51 -46.93 43.51
CA GLY B 31 44.77 -47.36 42.34
C GLY B 31 44.96 -46.42 41.17
N SER B 32 44.59 -46.89 39.98
CA SER B 32 44.75 -46.10 38.75
C SER B 32 43.46 -45.36 38.40
N GLY B 33 43.46 -44.73 37.23
CA GLY B 33 42.32 -43.99 36.75
C GLY B 33 42.72 -43.01 35.65
N TYR B 34 41.72 -42.49 34.94
CA TYR B 34 41.96 -41.52 33.88
C TYR B 34 41.52 -40.13 34.30
N ALA B 35 42.27 -39.11 33.85
CA ALA B 35 41.91 -37.72 34.14
C ALA B 35 42.57 -36.75 33.15
N ALA B 36 41.78 -35.87 32.55
CA ALA B 36 42.27 -35.01 31.46
C ALA B 36 42.89 -33.69 31.93
N ASP B 37 43.95 -33.28 31.22
CA ASP B 37 44.59 -31.99 31.43
C ASP B 37 43.68 -30.89 30.92
N ARG B 38 42.90 -30.29 31.82
CA ARG B 38 41.90 -29.30 31.43
C ARG B 38 42.50 -28.02 30.84
N GLU B 39 43.74 -27.72 31.19
CA GLU B 39 44.40 -26.49 30.74
C GLU B 39 44.64 -26.48 29.23
N SER B 40 45.54 -27.35 28.77
CA SER B 40 45.86 -27.45 27.35
C SER B 40 44.63 -27.84 26.53
N THR B 41 43.77 -28.65 27.12
CA THR B 41 42.51 -29.03 26.49
C THR B 41 41.64 -27.80 26.21
N GLN B 42 41.42 -26.98 27.24
CA GLN B 42 40.60 -25.78 27.09
C GLN B 42 41.24 -24.78 26.12
N LYS B 43 42.56 -24.72 26.11
CA LYS B 43 43.26 -23.89 25.14
C LYS B 43 42.94 -24.32 23.71
N ALA B 44 43.03 -25.61 23.45
CA ALA B 44 42.69 -26.18 22.15
C ALA B 44 41.22 -25.94 21.80
N ILE B 45 40.34 -26.11 22.77
CA ILE B 45 38.91 -25.90 22.56
C ILE B 45 38.62 -24.46 22.14
N ASP B 46 39.13 -23.50 22.91
CA ASP B 46 38.94 -22.09 22.58
C ASP B 46 39.51 -21.75 21.21
N GLY B 47 40.74 -22.20 20.96
CA GLY B 47 41.37 -21.97 19.67
C GLY B 47 40.56 -22.49 18.48
N ILE B 48 40.09 -23.73 18.59
CA ILE B 48 39.36 -24.37 17.50
C ILE B 48 37.95 -23.81 17.30
N THR B 49 37.25 -23.54 18.41
CA THR B 49 35.97 -22.85 18.35
C THR B 49 36.16 -21.51 17.66
N ASN B 50 37.27 -20.86 17.96
CA ASN B 50 37.60 -19.60 17.30
C ASN B 50 37.85 -19.78 15.81
N LYS B 51 38.53 -20.85 15.43
CA LYS B 51 38.79 -21.13 14.01
C LYS B 51 37.49 -21.33 13.25
N VAL B 52 36.63 -22.18 13.78
CA VAL B 52 35.33 -22.47 13.18
C VAL B 52 34.47 -21.21 13.06
N ASN B 53 34.34 -20.48 14.16
CA ASN B 53 33.58 -19.24 14.14
C ASN B 53 34.13 -18.21 13.16
N SER B 54 35.45 -18.16 13.03
CA SER B 54 36.09 -17.26 12.06
C SER B 54 35.74 -17.65 10.63
N ILE B 55 35.81 -18.95 10.35
CA ILE B 55 35.47 -19.46 9.03
C ILE B 55 34.02 -19.17 8.65
N ILE B 56 33.11 -19.57 9.54
CA ILE B 56 31.69 -19.31 9.36
C ILE B 56 31.42 -17.80 9.17
N ASN B 57 32.16 -16.99 9.90
CA ASN B 57 32.04 -15.53 9.81
C ASN B 57 32.49 -14.98 8.46
N LYS B 58 33.64 -15.44 7.98
CA LYS B 58 34.17 -14.99 6.70
C LYS B 58 33.35 -15.51 5.52
N MET B 59 32.60 -16.59 5.76
CA MET B 59 31.74 -17.16 4.71
C MET B 59 30.32 -16.57 4.72
N ASN B 60 30.12 -15.50 5.48
CA ASN B 60 28.78 -14.92 5.65
C ASN B 60 28.41 -13.84 4.63
N THR B 61 28.51 -14.19 3.36
CA THR B 61 27.96 -13.37 2.27
C THR B 61 27.33 -14.36 1.32
N GLN B 62 26.46 -13.88 0.44
CA GLN B 62 25.86 -14.76 -0.55
C GLN B 62 25.73 -14.07 -1.90
N PHE B 63 26.39 -14.60 -2.92
CA PHE B 63 26.11 -14.16 -4.28
C PHE B 63 24.69 -14.61 -4.61
N GLU B 64 23.89 -13.71 -5.16
CA GLU B 64 22.49 -14.03 -5.40
C GLU B 64 22.11 -14.01 -6.88
N ALA B 65 21.64 -15.16 -7.37
CA ALA B 65 21.17 -15.27 -8.75
C ALA B 65 19.78 -14.67 -8.89
N VAL B 66 19.34 -14.41 -10.12
CA VAL B 66 18.01 -13.86 -10.32
C VAL B 66 17.18 -14.60 -11.39
N ASP B 67 15.87 -14.47 -11.23
CA ASP B 67 14.88 -15.14 -12.07
C ASP B 67 14.70 -14.42 -13.40
N HIS B 68 15.55 -13.43 -13.66
CA HIS B 68 15.40 -12.57 -14.83
C HIS B 68 15.33 -13.31 -16.15
N GLU B 69 14.39 -12.91 -17.00
CA GLU B 69 14.19 -13.56 -18.29
C GLU B 69 14.77 -12.73 -19.42
N PHE B 70 15.29 -13.40 -20.44
CA PHE B 70 15.87 -12.71 -21.59
C PHE B 70 15.25 -13.21 -22.90
N SER B 71 14.96 -12.29 -23.81
CA SER B 71 14.20 -12.63 -25.02
C SER B 71 15.01 -13.38 -26.08
N ASN B 72 14.41 -13.52 -27.26
CA ASN B 72 15.06 -14.20 -28.38
C ASN B 72 16.23 -13.40 -28.93
N LEU B 73 16.12 -12.07 -28.87
CA LEU B 73 17.18 -11.20 -29.33
C LEU B 73 18.06 -10.74 -28.17
N GLU B 74 17.95 -11.41 -27.03
CA GLU B 74 18.77 -11.09 -25.88
C GLU B 74 19.70 -12.24 -25.51
N ARG B 75 20.08 -13.02 -26.51
CA ARG B 75 20.93 -14.19 -26.31
C ARG B 75 22.23 -13.86 -25.58
N ARG B 76 22.92 -12.84 -26.08
CA ARG B 76 24.22 -12.41 -25.53
C ARG B 76 24.21 -12.02 -24.05
N ILE B 77 23.32 -11.12 -23.65
CA ILE B 77 23.25 -10.68 -22.25
C ILE B 77 22.75 -11.79 -21.32
N GLY B 78 21.88 -12.65 -21.82
CA GLY B 78 21.43 -13.81 -21.06
C GLY B 78 22.59 -14.75 -20.78
N ASN B 79 23.35 -15.06 -21.82
CA ASN B 79 24.54 -15.90 -21.69
C ASN B 79 25.59 -15.23 -20.80
N LEU B 80 25.64 -13.90 -20.83
CA LEU B 80 26.52 -13.13 -19.95
C LEU B 80 26.15 -13.38 -18.50
N ASN B 81 24.86 -13.23 -18.20
CA ASN B 81 24.37 -13.46 -16.84
C ASN B 81 24.61 -14.89 -16.37
N LYS B 82 24.31 -15.85 -17.23
CA LYS B 82 24.56 -17.25 -16.89
C LYS B 82 26.03 -17.47 -16.58
N ARG B 83 26.90 -17.00 -17.46
CA ARG B 83 28.33 -17.15 -17.29
C ARG B 83 28.82 -16.53 -15.98
N MET B 84 28.25 -15.40 -15.61
CA MET B 84 28.60 -14.74 -14.35
C MET B 84 28.20 -15.58 -13.14
N GLU B 85 26.93 -16.00 -13.11
CA GLU B 85 26.40 -16.80 -12.01
C GLU B 85 27.21 -18.08 -11.83
N ASP B 86 27.42 -18.79 -12.93
CA ASP B 86 28.25 -19.98 -12.92
C ASP B 86 29.63 -19.68 -12.39
N GLY B 87 30.25 -18.63 -12.93
CA GLY B 87 31.59 -18.21 -12.51
C GLY B 87 31.74 -18.07 -11.01
N PHE B 88 30.97 -17.14 -10.44
CA PHE B 88 30.95 -16.95 -8.99
C PHE B 88 30.68 -18.26 -8.22
N LEU B 89 29.74 -19.05 -8.73
CA LEU B 89 29.44 -20.35 -8.13
C LEU B 89 30.70 -21.21 -8.05
N ASP B 90 31.43 -21.26 -9.15
CA ASP B 90 32.67 -22.02 -9.23
C ASP B 90 33.68 -21.54 -8.19
N VAL B 91 33.90 -20.22 -8.12
CA VAL B 91 34.89 -19.72 -7.16
C VAL B 91 34.49 -19.99 -5.70
N TRP B 92 33.20 -19.88 -5.38
CA TRP B 92 32.80 -20.16 -4.00
C TRP B 92 32.91 -21.66 -3.65
N THR B 93 32.54 -22.52 -4.59
CA THR B 93 32.72 -23.96 -4.41
C THR B 93 34.18 -24.30 -4.13
N TYR B 94 35.06 -23.80 -5.00
CA TYR B 94 36.50 -23.98 -4.84
C TYR B 94 36.98 -23.51 -3.47
N ASN B 95 36.68 -22.26 -3.14
CA ASN B 95 37.10 -21.68 -1.87
C ASN B 95 36.68 -22.54 -0.69
N ALA B 96 35.42 -22.96 -0.71
CA ALA B 96 34.88 -23.83 0.32
C ALA B 96 35.68 -25.12 0.46
N GLU B 97 35.67 -25.94 -0.58
CA GLU B 97 36.31 -27.26 -0.51
C GLU B 97 37.79 -27.18 -0.13
N LEU B 98 38.52 -26.27 -0.78
CA LEU B 98 39.94 -26.07 -0.50
C LEU B 98 40.19 -25.68 0.95
N LEU B 99 39.43 -24.69 1.43
CA LEU B 99 39.56 -24.24 2.81
C LEU B 99 39.32 -25.38 3.78
N VAL B 100 38.31 -26.20 3.51
CA VAL B 100 38.01 -27.36 4.33
C VAL B 100 39.21 -28.32 4.40
N LEU B 101 39.70 -28.75 3.25
CA LEU B 101 40.81 -29.72 3.21
C LEU B 101 42.04 -29.19 3.98
N LEU B 102 42.46 -27.98 3.61
CA LEU B 102 43.59 -27.31 4.27
C LEU B 102 43.43 -27.25 5.79
N GLU B 103 42.36 -26.62 6.24
CA GLU B 103 42.13 -26.42 7.66
C GLU B 103 42.04 -27.72 8.44
N ASN B 104 41.48 -28.76 7.82
CA ASN B 104 41.45 -30.07 8.45
C ASN B 104 42.85 -30.58 8.75
N GLU B 105 43.70 -30.59 7.71
CA GLU B 105 45.09 -31.00 7.90
C GLU B 105 45.76 -30.22 9.03
N ARG B 106 45.62 -28.89 8.98
CA ARG B 106 46.27 -28.05 9.98
C ARG B 106 45.75 -28.28 11.39
N THR B 107 44.46 -28.60 11.51
CA THR B 107 43.85 -28.88 12.80
C THR B 107 44.41 -30.17 13.42
N LEU B 108 44.52 -31.21 12.60
CA LEU B 108 45.14 -32.45 13.06
C LEU B 108 46.58 -32.21 13.51
N ASP B 109 47.33 -31.48 12.69
CA ASP B 109 48.69 -31.12 13.07
C ASP B 109 48.72 -30.37 14.41
N LEU B 110 47.73 -29.51 14.63
CA LEU B 110 47.58 -28.79 15.90
C LEU B 110 47.42 -29.75 17.09
N HIS B 111 46.49 -30.70 16.97
CA HIS B 111 46.28 -31.67 18.05
C HIS B 111 47.56 -32.44 18.35
N ASP B 112 48.19 -32.93 17.29
CA ASP B 112 49.47 -33.64 17.40
C ASP B 112 50.48 -32.81 18.20
N ALA B 113 50.63 -31.55 17.80
CA ALA B 113 51.54 -30.62 18.46
C ALA B 113 51.20 -30.44 19.94
N ASN B 114 49.91 -30.37 20.26
CA ASN B 114 49.52 -30.25 21.66
C ASN B 114 49.94 -31.46 22.48
N VAL B 115 49.70 -32.65 21.94
CA VAL B 115 50.12 -33.88 22.62
C VAL B 115 51.65 -33.88 22.86
N LYS B 116 52.41 -33.59 21.80
CA LYS B 116 53.86 -33.54 21.91
C LYS B 116 54.33 -32.53 22.96
N ASN B 117 53.71 -31.35 22.95
CA ASN B 117 54.03 -30.30 23.91
C ASN B 117 53.72 -30.67 25.35
N LEU B 118 52.65 -31.44 25.55
CA LEU B 118 52.32 -31.93 26.89
C LEU B 118 53.37 -32.95 27.35
N TYR B 119 53.70 -33.89 26.46
CA TYR B 119 54.73 -34.89 26.73
C TYR B 119 56.05 -34.23 27.14
N GLU B 120 56.43 -33.19 26.40
CA GLU B 120 57.65 -32.44 26.73
C GLU B 120 57.51 -31.66 28.04
N LYS B 121 56.31 -31.13 28.30
CA LYS B 121 56.02 -30.40 29.53
C LYS B 121 56.22 -31.31 30.73
N VAL B 122 55.90 -32.58 30.55
CA VAL B 122 56.12 -33.59 31.59
C VAL B 122 57.60 -33.96 31.71
N LYS B 123 58.22 -34.33 30.58
CA LYS B 123 59.61 -34.75 30.56
C LYS B 123 60.57 -33.69 31.11
N SER B 124 60.18 -32.42 31.02
CA SER B 124 61.03 -31.34 31.51
C SER B 124 61.02 -31.22 33.05
N GLN B 125 59.96 -31.72 33.68
CA GLN B 125 59.86 -31.72 35.13
C GLN B 125 60.60 -32.92 35.74
N LEU B 126 60.21 -34.12 35.32
CA LEU B 126 60.86 -35.34 35.77
C LEU B 126 62.03 -35.67 34.85
N ARG B 127 63.24 -35.65 35.40
CA ARG B 127 64.43 -35.93 34.61
C ARG B 127 65.17 -37.20 35.05
N ASP B 128 65.54 -37.26 36.33
CA ASP B 128 66.24 -38.43 36.85
C ASP B 128 65.33 -39.29 37.71
N ASN B 129 64.20 -38.73 38.13
CA ASN B 129 63.30 -39.39 39.06
C ASN B 129 62.39 -40.43 38.40
N ALA B 130 62.54 -40.62 37.09
CA ALA B 130 61.70 -41.57 36.37
C ALA B 130 62.41 -42.16 35.17
N ASN B 131 61.77 -43.13 34.53
CA ASN B 131 62.32 -43.82 33.38
C ASN B 131 61.43 -43.68 32.16
N ASP B 132 61.97 -43.02 31.13
CA ASP B 132 61.24 -42.79 29.89
C ASP B 132 61.22 -44.04 29.02
N LEU B 133 60.07 -44.71 28.97
CA LEU B 133 59.93 -45.92 28.17
C LEU B 133 59.98 -45.61 26.68
N GLY B 134 59.66 -44.38 26.32
CA GLY B 134 59.69 -43.96 24.92
C GLY B 134 58.33 -44.00 24.27
N ASN B 135 57.34 -44.55 24.96
CA ASN B 135 55.98 -44.63 24.43
C ASN B 135 54.99 -43.77 25.22
N GLY B 136 55.49 -42.67 25.76
CA GLY B 136 54.66 -41.73 26.49
C GLY B 136 54.37 -42.19 27.91
N CYS B 137 55.15 -43.15 28.40
CA CYS B 137 55.00 -43.62 29.78
C CYS B 137 56.29 -43.46 30.56
N PHE B 138 56.17 -43.13 31.84
CA PHE B 138 57.33 -42.91 32.70
C PHE B 138 57.26 -43.74 33.97
N GLU B 139 58.24 -44.62 34.17
CA GLU B 139 58.27 -45.48 35.36
C GLU B 139 59.14 -44.90 36.47
N PHE B 140 58.50 -44.46 37.54
CA PHE B 140 59.19 -43.85 38.69
C PHE B 140 60.28 -44.74 39.28
N TRP B 141 61.24 -44.12 39.95
CA TRP B 141 62.21 -44.84 40.75
C TRP B 141 61.79 -44.78 42.22
N HIS B 142 61.24 -43.63 42.62
CA HIS B 142 60.74 -43.44 43.96
C HIS B 142 59.24 -43.74 44.02
N LYS B 143 58.60 -43.37 45.12
CA LYS B 143 57.17 -43.59 45.28
C LYS B 143 56.38 -42.30 45.04
N CYS B 144 55.14 -42.45 44.60
CA CYS B 144 54.29 -41.30 44.29
C CYS B 144 52.82 -41.59 44.59
N ASP B 145 52.27 -40.90 45.58
CA ASP B 145 50.89 -41.12 46.00
C ASP B 145 49.89 -40.31 45.19
N ASN B 146 48.97 -39.63 45.89
CA ASN B 146 47.96 -38.81 45.23
C ASN B 146 48.36 -37.34 45.18
N GLU B 147 48.78 -36.79 46.33
CA GLU B 147 49.28 -35.43 46.39
C GLU B 147 50.62 -35.29 45.66
N CYS B 148 51.16 -36.43 45.24
CA CYS B 148 52.38 -36.48 44.44
C CYS B 148 52.04 -36.35 42.96
N MET B 149 51.13 -37.19 42.48
CA MET B 149 50.67 -37.13 41.09
C MET B 149 50.03 -35.77 40.81
N GLU B 150 49.26 -35.29 41.78
CA GLU B 150 48.55 -34.03 41.67
C GLU B 150 49.50 -32.84 41.49
N SER B 151 50.65 -32.90 42.15
CA SER B 151 51.64 -31.83 42.05
C SER B 151 52.21 -31.78 40.64
N VAL B 152 52.43 -32.95 40.05
CA VAL B 152 52.89 -33.03 38.68
C VAL B 152 51.81 -32.50 37.75
N LYS B 153 50.57 -32.86 38.03
CA LYS B 153 49.44 -32.44 37.21
C LYS B 153 49.25 -30.92 37.22
N ASN B 154 49.25 -30.31 38.41
CA ASN B 154 49.21 -28.85 38.44
C ASN B 154 50.58 -28.18 38.30
N GLY B 155 51.50 -28.89 37.64
CA GLY B 155 52.78 -28.34 37.23
C GLY B 155 53.75 -27.93 38.32
N THR B 156 53.48 -28.36 39.56
CA THR B 156 54.35 -28.01 40.67
C THR B 156 55.03 -29.22 41.30
N TYR B 157 55.78 -29.96 40.49
CA TYR B 157 56.54 -31.09 40.97
C TYR B 157 57.90 -30.65 41.49
N ASP B 158 58.18 -30.99 42.74
CA ASP B 158 59.46 -30.63 43.37
C ASP B 158 60.52 -31.69 43.11
N TYR B 159 61.32 -31.47 42.08
CA TYR B 159 62.38 -32.40 41.68
C TYR B 159 63.49 -32.64 42.73
N PRO B 160 64.00 -31.56 43.37
CA PRO B 160 65.05 -31.77 44.39
C PRO B 160 64.68 -32.74 45.51
N LYS B 161 63.42 -32.74 45.93
CA LYS B 161 62.97 -33.64 47.00
C LYS B 161 63.18 -35.11 46.61
N TYR B 162 62.72 -35.47 45.42
CA TYR B 162 62.73 -36.85 44.99
C TYR B 162 63.99 -37.25 44.20
N GLN B 163 64.92 -36.32 44.02
CA GLN B 163 66.17 -36.67 43.33
C GLN B 163 67.02 -37.64 44.16
N LYS B 164 66.92 -37.54 45.48
CA LYS B 164 67.65 -38.46 46.36
C LYS B 164 66.89 -39.78 46.54
N ASP C 1 -60.76 42.40 -39.04
CA ASP C 1 -59.44 41.79 -38.88
C ASP C 1 -58.61 42.52 -37.84
N LYS C 2 -57.84 41.75 -37.07
CA LYS C 2 -56.97 42.31 -36.03
C LYS C 2 -55.87 41.33 -35.63
N ILE C 3 -54.97 41.80 -34.77
CA ILE C 3 -53.89 40.96 -34.26
C ILE C 3 -53.41 41.48 -32.90
N CYS C 4 -53.02 40.56 -32.00
CA CYS C 4 -52.62 40.93 -30.65
C CYS C 4 -51.23 40.40 -30.26
N ILE C 5 -50.56 41.13 -29.38
CA ILE C 5 -49.25 40.76 -28.88
C ILE C 5 -49.34 40.44 -27.39
N GLY C 6 -48.70 39.36 -26.96
CA GLY C 6 -48.75 38.95 -25.57
C GLY C 6 -47.68 37.96 -25.14
N TYR C 7 -47.90 37.34 -23.99
CA TYR C 7 -46.88 36.46 -23.40
C TYR C 7 -47.44 35.17 -22.81
N HIS C 8 -46.54 34.25 -22.48
CA HIS C 8 -46.89 32.92 -21.99
C HIS C 8 -47.50 32.95 -20.57
N ALA C 9 -48.20 31.86 -20.24
CA ALA C 9 -48.72 31.64 -18.89
C ALA C 9 -49.07 30.16 -18.75
N ASN C 10 -49.22 29.68 -17.51
CA ASN C 10 -49.56 28.28 -17.28
C ASN C 10 -50.10 27.97 -15.89
N ASN C 11 -50.22 26.67 -15.60
CA ASN C 11 -50.79 26.18 -14.34
C ASN C 11 -49.82 26.22 -13.17
N SER C 12 -48.61 26.71 -13.42
CA SER C 12 -47.55 26.71 -12.41
C SER C 12 -47.83 27.66 -11.25
N THR C 13 -47.57 27.20 -10.03
CA THR C 13 -47.72 28.02 -8.84
C THR C 13 -46.41 28.17 -8.07
N THR C 14 -45.30 27.93 -8.78
CA THR C 14 -43.96 28.04 -8.21
C THR C 14 -43.56 29.51 -7.97
N GLN C 15 -43.16 29.82 -6.75
CA GLN C 15 -42.85 31.20 -6.36
C GLN C 15 -41.37 31.48 -6.07
N VAL C 16 -40.94 32.71 -6.38
CA VAL C 16 -39.59 33.17 -6.11
C VAL C 16 -39.63 34.50 -5.35
N ASP C 17 -38.45 35.00 -4.98
CA ASP C 17 -38.33 36.31 -4.32
C ASP C 17 -37.40 37.22 -5.12
N THR C 18 -37.69 38.52 -5.10
CA THR C 18 -36.76 39.51 -5.63
C THR C 18 -36.50 40.56 -4.56
N LEU C 19 -35.65 41.53 -4.88
CA LEU C 19 -35.40 42.63 -3.96
C LEU C 19 -36.68 43.43 -3.75
N LEU C 20 -37.37 43.74 -4.84
CA LEU C 20 -38.59 44.54 -4.79
C LEU C 20 -39.79 43.78 -4.27
N GLU C 21 -39.82 42.47 -4.48
CA GLU C 21 -41.04 41.72 -4.26
C GLU C 21 -40.78 40.29 -3.76
N LYS C 22 -41.59 39.85 -2.80
CA LYS C 22 -41.54 38.47 -2.32
C LYS C 22 -42.76 37.70 -2.82
N ASN C 23 -42.68 36.36 -2.73
CA ASN C 23 -43.77 35.48 -3.13
C ASN C 23 -44.34 35.79 -4.51
N VAL C 24 -43.52 35.62 -5.55
CA VAL C 24 -43.94 35.95 -6.91
C VAL C 24 -43.98 34.71 -7.81
N THR C 25 -45.17 34.39 -8.30
CA THR C 25 -45.37 33.18 -9.12
C THR C 25 -44.84 33.36 -10.54
N VAL C 26 -44.06 32.38 -11.00
CA VAL C 26 -43.47 32.42 -12.33
C VAL C 26 -43.74 31.14 -13.12
N THR C 27 -43.48 31.20 -14.42
CA THR C 27 -43.77 30.09 -15.33
C THR C 27 -42.74 28.96 -15.24
N HIS C 28 -41.46 29.33 -15.25
CA HIS C 28 -40.40 28.32 -15.18
C HIS C 28 -39.25 28.80 -14.29
N SER C 29 -38.97 28.04 -13.23
CA SER C 29 -37.87 28.34 -12.35
C SER C 29 -37.06 27.08 -12.09
N VAL C 30 -35.94 27.23 -11.38
CA VAL C 30 -35.06 26.11 -11.08
C VAL C 30 -34.52 26.21 -9.66
N GLU C 31 -34.44 25.07 -8.96
CA GLU C 31 -33.91 25.04 -7.60
C GLU C 31 -32.43 24.67 -7.59
N LEU C 32 -31.61 25.58 -7.08
CA LEU C 32 -30.17 25.39 -7.05
C LEU C 32 -29.70 24.71 -5.76
N LEU C 33 -30.55 24.69 -4.75
CA LEU C 33 -30.16 24.17 -3.44
C LEU C 33 -30.75 22.79 -3.15
N GLU C 34 -29.88 21.86 -2.77
CA GLU C 34 -30.32 20.51 -2.40
C GLU C 34 -30.46 20.41 -0.88
N ASN C 35 -31.57 19.82 -0.43
CA ASN C 35 -31.81 19.64 1.00
C ASN C 35 -32.10 18.18 1.35
N GLN C 36 -32.00 17.30 0.37
CA GLN C 36 -32.28 15.89 0.58
C GLN C 36 -31.01 15.06 0.74
N LYS C 37 -30.98 14.23 1.78
CA LYS C 37 -29.84 13.35 2.04
C LYS C 37 -30.28 11.93 2.41
N GLU C 38 -29.48 10.95 2.02
CA GLU C 38 -29.70 9.55 2.38
C GLU C 38 -28.88 9.22 3.62
N LYS C 39 -29.53 9.18 4.78
CA LYS C 39 -28.81 9.02 6.04
C LYS C 39 -28.04 7.69 6.15
N ARG C 40 -26.92 7.62 5.45
CA ARG C 40 -26.07 6.43 5.47
C ARG C 40 -24.66 6.73 4.94
N PHE C 41 -23.73 5.83 5.24
CA PHE C 41 -22.36 5.92 4.74
C PHE C 41 -22.11 4.94 3.61
N CYS C 42 -21.70 5.47 2.45
CA CYS C 42 -21.48 4.64 1.27
C CYS C 42 -20.02 4.56 0.86
N LYS C 43 -19.75 3.87 -0.24
CA LYS C 43 -18.40 3.74 -0.76
C LYS C 43 -18.04 4.96 -1.59
N ILE C 44 -16.77 5.36 -1.50
CA ILE C 44 -16.24 6.47 -2.28
C ILE C 44 -15.14 5.95 -3.18
N MET C 45 -15.20 6.30 -4.47
CA MET C 45 -14.23 5.82 -5.45
C MET C 45 -14.20 4.29 -5.45
N ASN C 46 -15.37 3.69 -5.23
CA ASN C 46 -15.53 2.25 -5.07
C ASN C 46 -14.70 1.67 -3.92
N LYS C 47 -14.28 2.52 -3.00
CA LYS C 47 -13.55 2.09 -1.84
C LYS C 47 -14.42 2.32 -0.60
N ALA C 48 -14.41 1.35 0.31
CA ALA C 48 -15.27 1.40 1.49
C ALA C 48 -14.58 2.00 2.71
N PRO C 49 -15.33 2.71 3.56
CA PRO C 49 -14.76 3.32 4.76
C PRO C 49 -14.39 2.31 5.82
N LEU C 50 -13.92 2.79 6.97
CA LEU C 50 -13.48 1.93 8.05
C LEU C 50 -14.35 2.11 9.31
N ASP C 51 -15.17 1.11 9.63
CA ASP C 51 -16.01 1.18 10.82
C ASP C 51 -15.21 0.72 12.04
N LEU C 52 -14.85 1.67 12.89
CA LEU C 52 -14.08 1.37 14.09
C LEU C 52 -14.91 0.67 15.16
N LYS C 53 -16.22 0.65 14.94
CA LYS C 53 -17.17 -0.03 15.83
C LYS C 53 -17.01 0.37 17.30
N ASP C 54 -16.88 -0.61 18.18
CA ASP C 54 -16.80 -0.33 19.60
C ASP C 54 -15.38 0.04 20.02
N CYS C 55 -14.59 0.50 19.05
CA CYS C 55 -13.23 0.95 19.30
C CYS C 55 -13.04 2.40 18.91
N THR C 56 -12.24 3.13 19.69
CA THR C 56 -11.81 4.47 19.31
C THR C 56 -10.49 4.39 18.55
N ILE C 57 -10.10 5.50 17.92
CA ILE C 57 -8.86 5.55 17.15
C ILE C 57 -7.66 5.13 17.99
N GLU C 58 -7.65 5.55 19.26
CA GLU C 58 -6.60 5.15 20.17
C GLU C 58 -6.54 3.63 20.36
N GLY C 59 -7.69 3.04 20.70
CA GLY C 59 -7.76 1.61 20.98
C GLY C 59 -7.49 0.76 19.76
N TRP C 60 -7.94 1.24 18.61
CA TRP C 60 -7.61 0.60 17.34
C TRP C 60 -6.11 0.60 17.11
N ILE C 61 -5.53 1.80 17.06
CA ILE C 61 -4.15 1.97 16.63
C ILE C 61 -3.11 1.49 17.65
N LEU C 62 -3.50 1.37 18.91
CA LEU C 62 -2.58 0.90 19.94
C LEU C 62 -2.71 -0.60 20.13
N GLY C 63 -3.69 -1.19 19.46
CA GLY C 63 -3.92 -2.62 19.55
C GLY C 63 -4.53 -3.05 20.86
N ASN C 64 -5.62 -2.39 21.25
CA ASN C 64 -6.42 -2.83 22.38
C ASN C 64 -7.01 -4.22 22.10
N PRO C 65 -6.88 -5.13 23.07
CA PRO C 65 -7.26 -6.54 22.89
C PRO C 65 -8.73 -6.73 22.48
N LYS C 66 -9.59 -5.77 22.81
CA LYS C 66 -11.00 -5.86 22.42
C LYS C 66 -11.23 -5.20 21.07
N CYS C 67 -10.14 -4.84 20.40
CA CYS C 67 -10.21 -4.26 19.08
C CYS C 67 -9.47 -5.16 18.10
N ASP C 68 -9.40 -6.44 18.46
CA ASP C 68 -8.73 -7.43 17.62
C ASP C 68 -9.46 -7.66 16.31
N LEU C 69 -10.73 -7.25 16.28
CA LEU C 69 -11.52 -7.29 15.05
C LEU C 69 -10.92 -6.37 13.99
N LEU C 70 -10.18 -5.36 14.43
CA LEU C 70 -9.60 -4.38 13.52
C LEU C 70 -8.14 -4.70 13.21
N LEU C 71 -7.59 -5.69 13.93
CA LEU C 71 -6.17 -6.02 13.81
C LEU C 71 -5.79 -6.39 12.38
N GLY C 72 -4.57 -6.01 11.99
CA GLY C 72 -4.08 -6.31 10.65
C GLY C 72 -4.21 -5.11 9.71
N ASP C 73 -4.13 -5.40 8.42
CA ASP C 73 -4.18 -4.37 7.40
C ASP C 73 -5.55 -3.73 7.25
N GLN C 74 -5.57 -2.44 6.94
CA GLN C 74 -6.81 -1.74 6.65
C GLN C 74 -6.67 -0.82 5.44
N SER C 75 -7.77 -0.58 4.75
CA SER C 75 -7.80 0.37 3.65
C SER C 75 -9.14 1.08 3.68
N TRP C 76 -9.12 2.39 3.56
CA TRP C 76 -10.35 3.16 3.69
C TRP C 76 -10.40 4.38 2.80
N SER C 77 -11.61 4.73 2.39
CA SER C 77 -11.85 6.02 1.76
C SER C 77 -11.96 7.07 2.85
N TYR C 78 -12.59 6.69 3.96
CA TYR C 78 -12.68 7.54 5.14
C TYR C 78 -12.88 6.71 6.40
N ILE C 79 -12.93 7.36 7.55
CA ILE C 79 -13.00 6.63 8.81
C ILE C 79 -14.26 6.97 9.59
N VAL C 80 -14.91 5.96 10.18
CA VAL C 80 -16.08 6.19 11.00
C VAL C 80 -15.87 5.70 12.43
N GLU C 81 -15.77 6.67 13.35
CA GLU C 81 -15.63 6.39 14.77
C GLU C 81 -16.99 6.54 15.43
N ARG C 82 -17.33 5.59 16.30
CA ARG C 82 -18.65 5.56 16.90
C ARG C 82 -18.74 6.40 18.18
N PRO C 83 -19.79 7.24 18.28
CA PRO C 83 -20.05 8.22 19.34
C PRO C 83 -19.83 7.70 20.75
N ASN C 84 -20.10 6.42 20.99
CA ASN C 84 -19.91 5.86 22.32
C ASN C 84 -19.08 4.58 22.34
N ALA C 85 -18.10 4.51 21.45
CA ALA C 85 -17.16 3.39 21.44
C ALA C 85 -16.43 3.34 22.77
N GLN C 86 -16.33 2.13 23.33
CA GLN C 86 -15.82 1.95 24.68
C GLN C 86 -14.35 1.58 24.73
N ASN C 87 -13.84 1.04 23.63
CA ASN C 87 -12.49 0.48 23.63
C ASN C 87 -11.41 1.38 23.05
N GLY C 88 -10.71 2.07 23.94
CA GLY C 88 -9.60 2.93 23.58
C GLY C 88 -8.40 2.59 24.43
N ILE C 89 -7.86 3.59 25.13
CA ILE C 89 -6.69 3.38 25.99
C ILE C 89 -7.09 2.77 27.33
N CYS C 90 -6.87 1.46 27.46
CA CYS C 90 -7.34 0.72 28.63
C CYS C 90 -6.50 0.97 29.90
N TYR C 91 -5.18 1.00 29.74
CA TYR C 91 -4.30 1.31 30.86
C TYR C 91 -4.11 2.82 30.91
N PRO C 92 -4.46 3.43 32.05
CA PRO C 92 -4.54 4.89 32.20
C PRO C 92 -3.26 5.61 31.80
N GLY C 93 -3.42 6.68 31.03
CA GLY C 93 -2.29 7.48 30.61
C GLY C 93 -2.64 8.42 29.50
N VAL C 94 -1.65 9.14 28.99
CA VAL C 94 -1.92 10.13 27.94
C VAL C 94 -1.16 9.83 26.66
N LEU C 95 -1.86 9.85 25.53
CA LEU C 95 -1.22 9.72 24.24
C LEU C 95 -0.79 11.12 23.76
N ASN C 96 0.48 11.45 23.97
CA ASN C 96 1.04 12.73 23.57
C ASN C 96 0.71 13.07 22.12
N GLU C 97 0.33 14.32 21.89
CA GLU C 97 0.01 14.82 20.54
C GLU C 97 -1.10 14.02 19.86
N LEU C 98 -2.09 13.60 20.64
CA LEU C 98 -3.21 12.82 20.11
C LEU C 98 -3.95 13.49 18.96
N GLU C 99 -4.18 14.79 19.08
CA GLU C 99 -4.94 15.51 18.07
C GLU C 99 -4.23 15.47 16.72
N GLU C 100 -2.92 15.73 16.74
CA GLU C 100 -2.09 15.65 15.55
C GLU C 100 -2.05 14.23 14.99
N LEU C 101 -2.05 13.24 15.87
CA LEU C 101 -2.10 11.85 15.44
C LEU C 101 -3.39 11.56 14.67
N LYS C 102 -4.51 12.07 15.18
CA LYS C 102 -5.79 11.94 14.49
C LYS C 102 -5.78 12.64 13.15
N ALA C 103 -5.15 13.82 13.10
CA ALA C 103 -5.07 14.55 11.84
C ALA C 103 -4.26 13.76 10.80
N PHE C 104 -3.18 13.15 11.27
CA PHE C 104 -2.29 12.36 10.44
C PHE C 104 -2.92 11.07 9.90
N ILE C 105 -3.56 10.32 10.79
CA ILE C 105 -4.29 9.12 10.40
C ILE C 105 -5.43 9.51 9.46
N GLY C 106 -6.00 10.68 9.70
CA GLY C 106 -7.03 11.20 8.82
C GLY C 106 -6.51 11.36 7.41
N SER C 107 -5.30 11.91 7.29
CA SER C 107 -4.67 12.10 5.98
C SER C 107 -4.13 10.80 5.42
N GLY C 108 -4.76 9.69 5.76
CA GLY C 108 -4.27 8.39 5.36
C GLY C 108 -5.17 7.65 4.40
N GLU C 109 -4.72 6.47 4.00
CA GLU C 109 -5.48 5.68 3.04
C GLU C 109 -5.43 4.19 3.39
N ARG C 110 -4.31 3.77 3.98
CA ARG C 110 -4.08 2.36 4.22
C ARG C 110 -2.96 2.18 5.26
N VAL C 111 -3.05 1.11 6.05
CA VAL C 111 -1.95 0.69 6.90
C VAL C 111 -1.65 -0.80 6.72
N GLU C 112 -0.41 -1.19 6.96
CA GLU C 112 -0.04 -2.60 6.95
C GLU C 112 0.69 -2.91 8.24
N ARG C 113 0.08 -3.71 9.10
CA ARG C 113 0.70 -4.06 10.37
C ARG C 113 1.88 -5.00 10.13
N PHE C 114 2.96 -4.80 10.89
CA PHE C 114 4.10 -5.71 10.85
C PHE C 114 4.86 -5.71 12.18
N GLU C 115 5.66 -6.74 12.39
CA GLU C 115 6.49 -6.81 13.59
C GLU C 115 7.78 -6.01 13.37
N MET C 116 7.98 -5.00 14.22
CA MET C 116 9.11 -4.10 14.07
C MET C 116 10.22 -4.45 15.04
N PHE C 117 9.82 -5.03 16.17
CA PHE C 117 10.77 -5.44 17.20
C PHE C 117 10.29 -6.71 17.89
N PRO C 118 10.83 -7.87 17.49
CA PRO C 118 10.53 -9.12 18.18
C PRO C 118 11.04 -9.07 19.63
N LYS C 119 10.41 -9.84 20.51
CA LYS C 119 10.71 -9.77 21.94
C LYS C 119 12.16 -10.16 22.27
N SER C 120 12.85 -10.71 21.28
CA SER C 120 14.24 -11.09 21.41
C SER C 120 15.17 -9.88 21.21
N THR C 121 14.61 -8.78 20.74
CA THR C 121 15.39 -7.56 20.55
C THR C 121 15.81 -7.00 21.91
N TRP C 122 15.06 -7.40 22.93
CA TRP C 122 15.30 -6.96 24.30
C TRP C 122 15.91 -8.09 25.11
N ALA C 123 17.21 -8.00 25.34
CA ALA C 123 17.99 -9.11 25.88
C ALA C 123 18.10 -9.07 27.41
N GLY C 124 17.87 -10.23 28.03
CA GLY C 124 18.09 -10.37 29.46
C GLY C 124 17.00 -9.76 30.33
N VAL C 125 15.79 -9.69 29.81
CA VAL C 125 14.66 -9.21 30.58
C VAL C 125 13.46 -10.15 30.39
N ASP C 126 12.33 -9.81 31.01
CA ASP C 126 11.17 -10.68 30.93
C ASP C 126 10.10 -10.10 30.01
N THR C 127 10.04 -10.63 28.79
CA THR C 127 9.13 -10.11 27.78
C THR C 127 7.84 -10.91 27.72
N SER C 128 7.52 -11.65 28.79
CA SER C 128 6.34 -12.50 28.80
C SER C 128 5.54 -12.43 30.10
N ARG C 129 5.66 -11.32 30.81
CA ARG C 129 4.88 -11.12 32.02
C ARG C 129 4.18 -9.76 31.97
N GLY C 130 4.35 -9.06 30.85
CA GLY C 130 3.81 -7.72 30.69
C GLY C 130 2.30 -7.65 30.51
N VAL C 131 1.56 -8.00 31.57
CA VAL C 131 0.09 -7.95 31.53
C VAL C 131 -0.52 -7.17 32.69
N THR C 132 -1.82 -6.95 32.60
CA THR C 132 -2.54 -6.15 33.59
C THR C 132 -4.04 -6.39 33.49
N ASN C 133 -4.76 -6.31 34.62
CA ASN C 133 -6.21 -6.52 34.59
C ASN C 133 -6.96 -5.31 34.03
N ALA C 134 -6.19 -4.26 33.71
CA ALA C 134 -6.75 -3.04 33.15
C ALA C 134 -6.99 -3.19 31.65
N CYS C 135 -6.26 -4.11 31.03
CA CYS C 135 -6.36 -4.33 29.59
C CYS C 135 -6.73 -5.75 29.23
N PRO C 136 -7.98 -6.14 29.51
CA PRO C 136 -8.38 -7.54 29.25
C PRO C 136 -8.77 -7.74 27.79
N SER C 137 -8.64 -8.98 27.32
CA SER C 137 -9.19 -9.34 26.02
C SER C 137 -10.54 -9.97 26.28
N TYR C 138 -11.25 -10.34 25.22
CA TYR C 138 -12.56 -10.95 25.37
C TYR C 138 -12.50 -12.36 25.96
N THR C 139 -11.28 -12.86 26.17
CA THR C 139 -11.10 -14.24 26.61
C THR C 139 -10.35 -14.39 27.94
N LEU C 140 -9.67 -13.33 28.39
CA LEU C 140 -8.98 -13.38 29.69
C LEU C 140 -8.89 -12.02 30.39
N ASP C 141 -8.79 -12.06 31.71
CA ASP C 141 -8.89 -10.85 32.53
C ASP C 141 -7.62 -10.02 32.63
N SER C 142 -6.53 -10.49 32.04
CA SER C 142 -5.28 -9.74 32.11
C SER C 142 -4.38 -9.93 30.90
N SER C 143 -4.37 -8.93 30.02
CA SER C 143 -3.48 -8.93 28.86
C SER C 143 -2.81 -7.56 28.73
N PHE C 144 -2.68 -7.09 27.50
CA PHE C 144 -2.02 -5.80 27.22
C PHE C 144 -2.23 -5.49 25.75
N TYR C 145 -1.68 -4.37 25.29
CA TYR C 145 -1.82 -3.96 23.89
C TYR C 145 -1.12 -4.92 22.91
N ARG C 146 -1.67 -5.04 21.71
CA ARG C 146 -1.13 -5.97 20.72
C ARG C 146 0.12 -5.41 20.04
N ASN C 147 0.29 -4.10 20.08
CA ASN C 147 1.39 -3.44 19.39
C ASN C 147 2.52 -3.01 20.31
N LEU C 148 2.31 -3.15 21.61
CA LEU C 148 3.34 -2.79 22.57
C LEU C 148 3.75 -4.02 23.37
N VAL C 149 4.86 -3.89 24.10
CA VAL C 149 5.31 -4.95 25.00
C VAL C 149 5.88 -4.34 26.27
N TRP C 150 5.46 -4.88 27.41
CA TRP C 150 5.82 -4.33 28.72
C TRP C 150 6.99 -5.12 29.30
N LEU C 151 8.17 -4.51 29.27
CA LEU C 151 9.39 -5.19 29.69
C LEU C 151 9.64 -5.06 31.19
N VAL C 152 9.84 -6.20 31.84
CA VAL C 152 10.08 -6.25 33.28
C VAL C 152 11.35 -7.06 33.56
N LYS C 153 12.08 -6.69 34.62
CA LYS C 153 13.33 -7.36 34.98
C LYS C 153 13.12 -8.86 35.20
N THR C 154 14.15 -9.66 34.89
CA THR C 154 14.06 -11.11 35.01
C THR C 154 13.81 -11.49 36.47
N ASP C 155 13.18 -12.64 36.68
CA ASP C 155 12.65 -13.04 37.99
C ASP C 155 13.67 -13.14 39.13
N SER C 156 14.59 -12.17 39.19
CA SER C 156 15.62 -12.10 40.23
C SER C 156 16.52 -10.90 39.99
N ALA C 157 17.36 -11.02 38.96
CA ALA C 157 18.40 -10.05 38.66
C ALA C 157 17.86 -8.66 38.30
N THR C 158 18.77 -7.70 38.13
CA THR C 158 18.38 -6.33 37.83
C THR C 158 18.09 -6.11 36.35
N TYR C 159 17.77 -4.86 36.01
CA TYR C 159 17.38 -4.47 34.66
C TYR C 159 18.61 -4.02 33.87
N PRO C 160 19.03 -4.84 32.90
CA PRO C 160 20.18 -4.49 32.06
C PRO C 160 19.80 -3.48 31.00
N VAL C 161 20.76 -2.71 30.49
CA VAL C 161 20.49 -1.80 29.39
C VAL C 161 20.13 -2.63 28.17
N ILE C 162 19.01 -2.29 27.54
CA ILE C 162 18.57 -2.99 26.34
C ILE C 162 18.49 -2.08 25.13
N LYS C 163 18.88 -2.63 23.99
CA LYS C 163 18.96 -1.87 22.75
C LYS C 163 18.15 -2.55 21.66
N GLY C 164 17.68 -1.75 20.70
CA GLY C 164 16.96 -2.24 19.56
C GLY C 164 17.21 -1.32 18.37
N THR C 165 17.11 -1.85 17.16
CA THR C 165 17.34 -1.05 15.96
C THR C 165 16.42 -1.48 14.82
N TYR C 166 15.84 -0.50 14.14
CA TYR C 166 15.12 -0.80 12.90
C TYR C 166 15.48 0.16 11.76
N ASN C 167 16.15 -0.36 10.74
CA ASN C 167 16.52 0.42 9.56
C ASN C 167 15.37 0.35 8.54
N ASN C 168 14.62 1.45 8.39
CA ASN C 168 13.56 1.49 7.38
C ASN C 168 14.14 1.59 5.96
N THR C 169 14.43 0.44 5.38
CA THR C 169 15.02 0.37 4.05
C THR C 169 13.93 0.37 2.97
N GLY C 170 12.68 0.49 3.42
CA GLY C 170 11.54 0.45 2.52
C GLY C 170 11.18 1.80 1.95
N THR C 171 10.14 1.83 1.13
CA THR C 171 9.73 3.05 0.44
C THR C 171 8.56 3.76 1.12
N GLN C 172 8.10 3.19 2.23
CA GLN C 172 6.92 3.70 2.93
C GLN C 172 7.24 4.12 4.36
N PRO C 173 6.57 5.18 4.86
CA PRO C 173 6.75 5.68 6.23
C PRO C 173 6.18 4.71 7.26
N ILE C 174 6.76 4.69 8.46
CA ILE C 174 6.34 3.76 9.50
C ILE C 174 5.78 4.48 10.74
N LEU C 175 4.49 4.32 10.95
CA LEU C 175 3.85 4.82 12.17
C LEU C 175 4.13 3.84 13.30
N TYR C 176 4.64 4.33 14.42
CA TYR C 176 4.94 3.43 15.53
C TYR C 176 4.74 4.09 16.88
N PHE C 177 4.66 3.26 17.91
CA PHE C 177 4.27 3.71 19.23
C PHE C 177 5.16 3.15 20.32
N TRP C 178 5.36 3.94 21.37
CA TRP C 178 6.02 3.43 22.56
C TRP C 178 5.44 4.10 23.80
N GLY C 179 6.10 3.91 24.94
CA GLY C 179 5.57 4.47 26.16
C GLY C 179 6.51 4.42 27.35
N VAL C 180 6.28 5.34 28.28
CA VAL C 180 7.01 5.34 29.53
C VAL C 180 6.04 5.02 30.67
N HIS C 181 6.41 4.05 31.50
CA HIS C 181 5.58 3.64 32.62
C HIS C 181 5.88 4.50 33.85
N HIS C 182 4.83 5.08 34.43
CA HIS C 182 4.97 5.90 35.64
C HIS C 182 4.28 5.22 36.83
N PRO C 183 5.07 4.54 37.67
CA PRO C 183 4.63 3.78 38.85
C PRO C 183 4.10 4.70 39.95
N PRO C 184 3.43 4.15 40.98
CA PRO C 184 2.86 5.01 42.02
C PRO C 184 3.77 5.27 43.23
N ASP C 185 4.77 4.42 43.45
CA ASP C 185 5.68 4.59 44.57
C ASP C 185 7.06 4.04 44.25
N THR C 186 7.92 3.97 45.27
CA THR C 186 9.28 3.49 45.09
C THR C 186 9.35 1.96 45.06
N THR C 187 8.52 1.32 45.89
CA THR C 187 8.58 -0.13 46.05
C THR C 187 8.06 -0.87 44.83
N VAL C 188 7.06 -0.30 44.16
CA VAL C 188 6.58 -0.87 42.90
C VAL C 188 7.65 -0.74 41.82
N GLN C 189 8.21 0.46 41.70
CA GLN C 189 9.30 0.74 40.78
C GLN C 189 10.44 -0.26 40.97
N ASP C 190 10.73 -0.57 42.23
CA ASP C 190 11.79 -1.53 42.54
C ASP C 190 11.36 -2.96 42.21
N ASN C 191 10.09 -3.26 42.48
CA ASN C 191 9.54 -4.59 42.21
C ASN C 191 9.56 -4.92 40.73
N LEU C 192 9.46 -3.90 39.89
CA LEU C 192 9.36 -4.12 38.46
C LEU C 192 10.68 -3.90 37.71
N TYR C 193 11.46 -2.89 38.11
CA TYR C 193 12.65 -2.53 37.34
C TYR C 193 13.94 -2.52 38.16
N GLY C 194 13.80 -2.61 39.49
CA GLY C 194 14.96 -2.54 40.36
C GLY C 194 15.35 -1.11 40.64
N SER C 195 16.31 -0.92 41.55
CA SER C 195 16.72 0.43 41.94
C SER C 195 17.62 1.10 40.90
N GLY C 196 18.16 2.27 41.27
CA GLY C 196 18.98 3.04 40.37
C GLY C 196 18.15 3.89 39.43
N ASP C 197 18.70 5.03 39.02
CA ASP C 197 17.99 5.94 38.11
C ASP C 197 17.74 5.29 36.76
N LYS C 198 16.55 5.51 36.22
CA LYS C 198 16.16 4.89 34.96
C LYS C 198 15.91 5.91 33.86
N TYR C 199 16.11 5.49 32.61
CA TYR C 199 15.89 6.35 31.47
C TYR C 199 15.31 5.56 30.28
N VAL C 200 14.63 6.28 29.40
CA VAL C 200 14.16 5.72 28.13
C VAL C 200 14.57 6.68 27.03
N ARG C 201 15.33 6.18 26.06
CA ARG C 201 15.83 7.04 24.99
C ARG C 201 15.67 6.43 23.60
N MET C 202 15.29 7.28 22.65
CA MET C 202 15.02 6.86 21.29
C MET C 202 15.56 7.88 20.29
N GLY C 203 16.38 7.42 19.35
CA GLY C 203 16.96 8.31 18.36
C GLY C 203 16.73 7.90 16.92
N THR C 204 16.41 8.88 16.08
CA THR C 204 16.42 8.68 14.64
C THR C 204 17.25 9.80 14.01
N GLU C 205 17.33 9.81 12.67
CA GLU C 205 18.08 10.85 11.97
C GLU C 205 17.53 12.24 12.26
N SER C 206 16.22 12.33 12.46
CA SER C 206 15.56 13.63 12.60
C SER C 206 14.69 13.71 13.86
N MET C 207 14.96 12.86 14.83
CA MET C 207 14.20 12.90 16.08
C MET C 207 14.95 12.21 17.22
N ASN C 208 15.11 12.92 18.33
CA ASN C 208 15.59 12.30 19.55
C ASN C 208 14.56 12.40 20.66
N PHE C 209 14.71 11.57 21.68
CA PHE C 209 13.73 11.45 22.73
C PHE C 209 14.42 10.90 23.97
N ALA C 210 14.19 11.54 25.11
CA ALA C 210 14.75 11.10 26.38
C ALA C 210 13.78 11.43 27.48
N LYS C 211 13.46 10.43 28.30
CA LYS C 211 12.57 10.67 29.43
C LYS C 211 12.81 9.71 30.59
N SER C 212 12.63 10.21 31.80
CA SER C 212 12.75 9.39 33.00
C SER C 212 11.36 9.14 33.56
N PRO C 213 11.24 8.22 34.54
CA PRO C 213 9.91 8.08 35.16
C PRO C 213 9.53 9.28 36.00
N GLU C 214 8.24 9.45 36.25
CA GLU C 214 7.73 10.54 37.08
C GLU C 214 6.88 9.94 38.19
N ILE C 215 7.51 9.19 39.08
CA ILE C 215 6.83 8.41 40.10
C ILE C 215 6.06 9.26 41.11
N ALA C 216 4.76 8.98 41.23
CA ALA C 216 3.90 9.67 42.18
C ALA C 216 2.57 8.93 42.32
N ALA C 217 1.80 9.27 43.35
CA ALA C 217 0.50 8.66 43.57
C ALA C 217 -0.61 9.41 42.84
N ARG C 218 -1.29 8.71 41.94
CA ARG C 218 -2.39 9.28 41.17
C ARG C 218 -3.71 8.66 41.60
N PRO C 219 -4.84 9.33 41.27
CA PRO C 219 -6.15 8.74 41.55
C PRO C 219 -6.35 7.43 40.81
N ALA C 220 -7.12 6.53 41.39
CA ALA C 220 -7.39 5.24 40.76
C ALA C 220 -8.21 5.41 39.50
N VAL C 221 -7.65 4.96 38.38
CA VAL C 221 -8.38 4.84 37.13
C VAL C 221 -8.19 3.44 36.58
N ASN C 222 -9.29 2.74 36.31
CA ASN C 222 -9.26 1.33 35.94
C ASN C 222 -8.47 0.48 36.92
N GLY C 223 -8.58 0.84 38.19
CA GLY C 223 -7.93 0.09 39.26
C GLY C 223 -6.41 0.21 39.24
N GLN C 224 -5.92 1.25 38.58
CA GLN C 224 -4.49 1.48 38.49
C GLN C 224 -4.14 2.87 38.97
N ARG C 225 -3.17 2.95 39.88
CA ARG C 225 -2.69 4.22 40.39
C ARG C 225 -1.50 4.70 39.58
N SER C 226 -1.06 3.84 38.66
CA SER C 226 0.04 4.18 37.77
C SER C 226 -0.48 4.85 36.50
N ARG C 227 0.45 5.29 35.66
CA ARG C 227 0.09 5.89 34.39
C ARG C 227 1.02 5.38 33.30
N ILE C 228 0.66 5.64 32.05
CA ILE C 228 1.58 5.44 30.94
C ILE C 228 1.55 6.63 29.99
N ASP C 229 2.74 7.20 29.74
CA ASP C 229 2.86 8.23 28.73
C ASP C 229 3.09 7.56 27.39
N TYR C 230 2.06 7.56 26.55
CA TYR C 230 2.14 6.94 25.23
C TYR C 230 2.69 7.94 24.25
N TYR C 231 3.48 7.46 23.31
CA TYR C 231 4.09 8.32 22.29
C TYR C 231 4.00 7.68 20.91
N TRP C 232 3.95 8.53 19.90
CA TRP C 232 3.85 8.06 18.53
C TRP C 232 4.81 8.82 17.62
N SER C 233 5.31 8.15 16.58
CA SER C 233 6.16 8.84 15.62
C SER C 233 6.11 8.18 14.27
N VAL C 234 6.67 8.86 13.27
CA VAL C 234 6.77 8.32 11.93
C VAL C 234 8.24 8.17 11.53
N LEU C 235 8.64 6.93 11.27
CA LEU C 235 9.98 6.64 10.77
C LEU C 235 9.95 6.73 9.26
N ARG C 236 10.59 7.75 8.72
CA ARG C 236 10.58 7.99 7.27
C ARG C 236 11.44 6.98 6.50
N PRO C 237 11.17 6.81 5.20
CA PRO C 237 12.02 5.93 4.36
C PRO C 237 13.47 6.36 4.40
N GLY C 238 14.35 5.50 4.91
CA GLY C 238 15.76 5.81 4.99
C GLY C 238 16.20 6.09 6.40
N GLU C 239 15.28 6.60 7.21
CA GLU C 239 15.54 6.81 8.63
C GLU C 239 15.61 5.45 9.30
N THR C 240 16.35 5.41 10.41
CA THR C 240 16.48 4.19 11.20
C THR C 240 16.40 4.51 12.68
N LEU C 241 15.70 3.69 13.44
CA LEU C 241 15.44 3.96 14.85
C LEU C 241 16.31 3.16 15.80
N ASN C 242 16.95 3.87 16.73
CA ASN C 242 17.67 3.27 17.84
C ASN C 242 16.87 3.42 19.14
N VAL C 243 16.60 2.29 19.78
CA VAL C 243 15.92 2.26 21.08
C VAL C 243 16.91 1.83 22.14
N GLU C 244 16.98 2.58 23.23
CA GLU C 244 17.89 2.24 24.32
C GLU C 244 17.23 2.57 25.66
N SER C 245 17.13 1.58 26.53
CA SER C 245 16.52 1.82 27.84
C SER C 245 17.03 0.88 28.92
N ASN C 246 17.17 1.42 30.13
CA ASN C 246 17.61 0.62 31.27
C ASN C 246 16.47 0.38 32.24
N GLY C 247 15.25 0.69 31.81
CA GLY C 247 14.08 0.48 32.65
C GLY C 247 12.86 1.30 32.26
N ASN C 248 11.70 0.86 32.74
CA ASN C 248 10.43 1.56 32.55
C ASN C 248 10.00 1.72 31.09
N LEU C 249 10.38 0.78 30.24
CA LEU C 249 10.11 0.88 28.81
C LEU C 249 8.93 0.05 28.37
N ILE C 250 7.90 0.72 27.85
CA ILE C 250 6.85 0.06 27.10
C ILE C 250 7.29 0.09 25.65
N ALA C 251 7.94 -1.00 25.23
CA ALA C 251 8.64 -1.03 23.95
C ALA C 251 7.68 -1.24 22.80
N PRO C 252 7.98 -0.63 21.64
CA PRO C 252 7.21 -0.90 20.42
C PRO C 252 7.39 -2.36 20.02
N TRP C 253 6.33 -2.97 19.52
CA TRP C 253 6.39 -4.37 19.11
C TRP C 253 5.92 -4.45 17.67
N TYR C 254 4.66 -4.07 17.46
CA TYR C 254 4.12 -4.00 16.11
C TYR C 254 3.95 -2.54 15.68
N ALA C 255 4.20 -2.28 14.40
CA ALA C 255 4.05 -0.94 13.85
C ALA C 255 3.31 -1.02 12.53
N TYR C 256 3.00 0.14 11.95
CA TYR C 256 2.24 0.15 10.71
C TYR C 256 3.02 0.80 9.58
N LYS C 257 2.85 0.24 8.38
CA LYS C 257 3.34 0.86 7.16
C LYS C 257 2.22 1.74 6.62
N PHE C 258 2.48 3.05 6.57
CA PHE C 258 1.45 4.03 6.32
C PHE C 258 1.42 4.52 4.88
N VAL C 259 0.22 4.78 4.36
CA VAL C 259 0.07 5.31 3.01
C VAL C 259 -0.63 6.68 3.00
N SER C 260 0.14 7.72 2.70
CA SER C 260 -0.37 9.09 2.68
C SER C 260 -1.19 9.36 1.43
N THR C 261 -2.36 9.96 1.60
CA THR C 261 -3.30 10.16 0.50
C THR C 261 -2.96 11.37 -0.41
N ASN C 262 -2.41 12.43 0.19
CA ASN C 262 -2.26 13.74 -0.46
C ASN C 262 -3.59 14.47 -0.68
N LYS C 263 -4.69 13.72 -0.68
CA LYS C 263 -6.02 14.31 -0.77
C LYS C 263 -6.53 14.65 0.61
N LYS C 264 -7.81 15.02 0.71
CA LYS C 264 -8.36 15.49 1.97
C LYS C 264 -8.32 14.43 3.07
N GLY C 265 -9.19 13.43 2.96
CA GLY C 265 -9.35 12.43 4.00
C GLY C 265 -10.20 12.96 5.16
N ALA C 266 -11.16 12.16 5.60
CA ALA C 266 -12.06 12.61 6.66
C ALA C 266 -12.26 11.57 7.74
N VAL C 267 -12.29 12.00 9.00
CA VAL C 267 -12.65 11.14 10.11
C VAL C 267 -13.97 11.61 10.73
N PHE C 268 -15.01 10.81 10.57
CA PHE C 268 -16.36 11.15 11.02
C PHE C 268 -16.73 10.48 12.35
N LYS C 269 -17.12 11.29 13.33
CA LYS C 269 -17.72 10.76 14.55
C LYS C 269 -19.23 10.70 14.38
N SER C 270 -19.74 9.52 14.04
CA SER C 270 -21.15 9.39 13.69
C SER C 270 -21.71 7.98 13.97
N ASP C 271 -23.02 7.88 14.15
CA ASP C 271 -23.67 6.61 14.43
C ASP C 271 -24.49 6.09 13.25
N LEU C 272 -24.41 6.77 12.12
CA LEU C 272 -25.11 6.35 10.90
C LEU C 272 -24.62 4.98 10.45
N PRO C 273 -25.48 4.21 9.77
CA PRO C 273 -25.05 2.86 9.34
C PRO C 273 -24.28 2.90 8.02
N ILE C 274 -23.33 1.99 7.86
CA ILE C 274 -22.59 1.88 6.61
C ILE C 274 -23.20 0.76 5.77
N GLU C 275 -23.69 1.12 4.58
CA GLU C 275 -24.39 0.18 3.73
C GLU C 275 -23.59 -0.17 2.47
N ASN C 276 -24.00 -1.23 1.78
CA ASN C 276 -23.29 -1.66 0.59
C ASN C 276 -23.73 -0.90 -0.66
N CYS C 277 -23.50 0.41 -0.64
CA CYS C 277 -23.93 1.28 -1.74
C CYS C 277 -22.77 2.15 -2.21
N ASP C 278 -22.98 2.88 -3.30
CA ASP C 278 -21.95 3.76 -3.83
C ASP C 278 -22.37 5.23 -3.75
N ALA C 279 -21.40 6.13 -3.79
CA ALA C 279 -21.66 7.56 -3.74
C ALA C 279 -20.50 8.39 -4.29
N THR C 280 -20.79 9.61 -4.71
CA THR C 280 -19.76 10.51 -5.23
C THR C 280 -19.57 11.68 -4.27
N CYS C 281 -20.48 11.82 -3.32
CA CYS C 281 -20.41 12.86 -2.31
C CYS C 281 -20.87 12.30 -0.98
N GLN C 282 -20.07 12.49 0.08
CA GLN C 282 -20.38 11.88 1.37
C GLN C 282 -20.18 12.83 2.54
N THR C 283 -21.27 13.41 3.03
CA THR C 283 -21.21 14.27 4.20
C THR C 283 -21.35 13.45 5.48
N ILE C 284 -21.06 14.07 6.61
CA ILE C 284 -21.17 13.39 7.90
C ILE C 284 -22.65 13.14 8.25
N ALA C 285 -23.53 13.83 7.52
CA ALA C 285 -24.96 13.74 7.73
C ALA C 285 -25.60 12.72 6.79
N GLY C 286 -24.87 12.35 5.74
CA GLY C 286 -25.36 11.38 4.78
C GLY C 286 -24.85 11.62 3.37
N VAL C 287 -25.49 10.97 2.41
CA VAL C 287 -25.07 11.04 1.01
C VAL C 287 -25.88 12.06 0.22
N LEU C 288 -25.21 12.79 -0.66
CA LEU C 288 -25.90 13.68 -1.59
C LEU C 288 -25.79 13.18 -3.03
N LYS C 289 -26.91 12.78 -3.61
CA LYS C 289 -26.97 12.50 -5.04
C LYS C 289 -27.64 13.67 -5.74
N THR C 290 -26.86 14.65 -6.17
CA THR C 290 -27.41 15.84 -6.81
C THR C 290 -26.60 16.34 -7.99
N ASN C 291 -27.27 17.12 -8.84
CA ASN C 291 -26.61 17.88 -9.89
C ASN C 291 -26.74 19.36 -9.57
N LYS C 292 -27.20 19.65 -8.35
CA LYS C 292 -27.42 21.03 -7.93
C LYS C 292 -26.15 21.67 -7.39
N THR C 293 -26.13 23.00 -7.34
CA THR C 293 -24.93 23.75 -7.01
C THR C 293 -24.72 23.91 -5.51
N PHE C 294 -25.80 24.08 -4.76
CA PHE C 294 -25.69 24.33 -3.34
C PHE C 294 -26.27 23.18 -2.53
N GLN C 295 -26.06 23.23 -1.21
CA GLN C 295 -26.62 22.24 -0.30
C GLN C 295 -26.64 22.79 1.12
N ASN C 296 -27.67 22.42 1.89
CA ASN C 296 -27.77 22.90 3.26
C ASN C 296 -27.70 21.77 4.28
N VAL C 297 -27.10 20.65 3.88
CA VAL C 297 -27.02 19.49 4.76
C VAL C 297 -25.85 19.60 5.75
N SER C 298 -24.63 19.63 5.24
CA SER C 298 -23.47 19.66 6.12
C SER C 298 -22.21 20.21 5.46
N PRO C 299 -21.38 20.93 6.23
CA PRO C 299 -20.10 21.46 5.76
C PRO C 299 -18.97 20.43 5.79
N LEU C 300 -19.17 19.33 6.49
CA LEU C 300 -18.15 18.30 6.61
C LEU C 300 -18.39 17.16 5.62
N TRP C 301 -17.54 17.04 4.62
CA TRP C 301 -17.71 15.99 3.62
C TRP C 301 -16.41 15.47 3.02
N ILE C 302 -16.51 14.30 2.40
CA ILE C 302 -15.44 13.74 1.60
C ILE C 302 -16.02 13.44 0.23
N GLY C 303 -15.24 13.69 -0.83
CA GLY C 303 -15.75 13.53 -2.18
C GLY C 303 -16.10 14.86 -2.81
N GLU C 304 -16.94 14.82 -3.85
CA GLU C 304 -17.30 16.02 -4.60
C GLU C 304 -18.72 16.48 -4.28
N CYS C 305 -18.83 17.47 -3.40
CA CYS C 305 -20.14 17.92 -2.93
C CYS C 305 -20.44 19.36 -3.34
N PRO C 306 -21.73 19.73 -3.36
CA PRO C 306 -22.11 21.13 -3.63
C PRO C 306 -21.61 22.06 -2.52
N LYS C 307 -21.51 23.35 -2.81
CA LYS C 307 -21.10 24.32 -1.81
C LYS C 307 -22.10 24.40 -0.67
N TYR C 308 -21.63 24.20 0.56
CA TYR C 308 -22.51 24.27 1.71
C TYR C 308 -22.98 25.71 1.96
N VAL C 309 -24.22 25.84 2.39
CA VAL C 309 -24.85 27.14 2.55
C VAL C 309 -25.98 27.03 3.57
N LYS C 310 -26.37 28.15 4.18
CA LYS C 310 -27.34 28.12 5.27
C LYS C 310 -28.78 28.29 4.81
N SER C 311 -28.95 28.66 3.54
CA SER C 311 -30.28 28.95 2.99
C SER C 311 -31.22 27.75 3.00
N GLU C 312 -32.52 28.03 2.95
CA GLU C 312 -33.54 26.99 2.85
C GLU C 312 -33.78 26.70 1.37
N SER C 313 -33.93 27.77 0.59
CA SER C 313 -34.20 27.66 -0.83
C SER C 313 -33.49 28.73 -1.63
N LEU C 314 -32.96 28.35 -2.79
CA LEU C 314 -32.37 29.29 -3.72
C LEU C 314 -33.05 29.12 -5.07
N ARG C 315 -34.28 29.63 -5.17
CA ARG C 315 -35.04 29.52 -6.40
C ARG C 315 -34.59 30.58 -7.40
N LEU C 316 -34.30 30.16 -8.62
CA LEU C 316 -33.93 31.12 -9.66
C LEU C 316 -34.96 31.14 -10.78
N ALA C 317 -35.44 32.34 -11.12
CA ALA C 317 -36.47 32.50 -12.13
C ALA C 317 -35.89 32.52 -13.53
N THR C 318 -36.39 31.63 -14.37
CA THR C 318 -35.96 31.56 -15.76
C THR C 318 -37.06 32.05 -16.69
N GLY C 319 -38.30 31.80 -16.31
CA GLY C 319 -39.45 32.23 -17.07
C GLY C 319 -39.91 33.61 -16.67
N LEU C 320 -41.07 34.03 -17.18
CA LEU C 320 -41.62 35.34 -16.86
C LEU C 320 -42.74 35.26 -15.84
N ARG C 321 -43.25 36.42 -15.43
CA ARG C 321 -44.32 36.50 -14.45
C ARG C 321 -45.59 35.82 -14.96
N ASN C 322 -46.20 35.00 -14.12
CA ASN C 322 -47.38 34.24 -14.51
C ASN C 322 -48.68 35.00 -14.25
N VAL C 323 -49.40 35.33 -15.31
CA VAL C 323 -50.68 36.03 -15.19
C VAL C 323 -51.80 35.34 -15.99
N PRO C 324 -52.29 34.20 -15.49
CA PRO C 324 -53.43 33.56 -16.16
C PRO C 324 -54.74 34.19 -15.73
N GLN C 325 -55.77 34.08 -16.56
CA GLN C 325 -57.05 34.72 -16.30
C GLN C 325 -58.18 34.10 -17.12
N GLY D 1 -44.13 45.34 -14.81
CA GLY D 1 -42.71 45.51 -15.03
C GLY D 1 -42.31 46.95 -15.23
N ILE D 2 -41.00 47.19 -15.36
CA ILE D 2 -40.49 48.55 -15.51
C ILE D 2 -40.60 49.07 -16.94
N PHE D 3 -40.89 48.18 -17.88
CA PHE D 3 -41.16 48.58 -19.25
C PHE D 3 -42.67 48.64 -19.48
N GLY D 4 -43.43 48.36 -18.42
CA GLY D 4 -44.86 48.54 -18.41
C GLY D 4 -45.67 47.45 -19.08
N ALA D 5 -45.01 46.58 -19.84
CA ALA D 5 -45.69 45.55 -20.63
C ALA D 5 -46.39 44.49 -19.78
N ILE D 6 -45.61 43.52 -19.30
CA ILE D 6 -46.14 42.41 -18.52
C ILE D 6 -46.88 42.88 -17.26
N ALA D 7 -48.12 42.41 -17.11
CA ALA D 7 -49.00 42.82 -16.01
C ALA D 7 -49.12 44.34 -15.92
N GLY D 8 -49.13 45.00 -17.07
CA GLY D 8 -49.28 46.44 -17.15
C GLY D 8 -50.36 46.83 -18.15
N PHE D 9 -49.95 47.31 -19.32
CA PHE D 9 -50.92 47.61 -20.37
C PHE D 9 -51.34 46.34 -21.09
N ILE D 10 -50.46 45.34 -21.09
CA ILE D 10 -50.86 43.98 -21.42
C ILE D 10 -51.15 43.28 -20.09
N GLU D 11 -52.39 43.43 -19.63
CA GLU D 11 -52.79 43.10 -18.27
C GLU D 11 -52.59 41.64 -17.86
N GLY D 12 -52.71 40.73 -18.83
CA GLY D 12 -52.64 39.32 -18.53
C GLY D 12 -51.87 38.50 -19.54
N GLY D 13 -51.80 37.19 -19.30
CA GLY D 13 -51.08 36.28 -20.18
C GLY D 13 -51.97 35.19 -20.75
N TRP D 14 -51.49 34.56 -21.81
CA TRP D 14 -52.27 33.57 -22.54
C TRP D 14 -51.81 32.15 -22.22
N THR D 15 -52.66 31.41 -21.51
CA THR D 15 -52.37 30.00 -21.25
C THR D 15 -52.55 29.16 -22.51
N GLY D 16 -53.06 29.79 -23.57
CA GLY D 16 -53.25 29.12 -24.84
C GLY D 16 -51.94 28.88 -25.58
N MET D 17 -51.11 29.92 -25.63
CA MET D 17 -49.81 29.82 -26.30
C MET D 17 -48.85 28.95 -25.48
N ILE D 18 -48.57 27.75 -25.99
CA ILE D 18 -47.75 26.79 -25.25
C ILE D 18 -46.46 26.44 -26.00
N ASP D 19 -46.13 27.22 -27.04
CA ASP D 19 -44.96 26.93 -27.85
C ASP D 19 -43.90 28.04 -27.81
N GLY D 20 -43.95 28.86 -26.77
CA GLY D 20 -42.97 29.92 -26.59
C GLY D 20 -43.28 30.85 -25.44
N TRP D 21 -42.44 31.86 -25.25
CA TRP D 21 -42.64 32.85 -24.21
C TRP D 21 -43.39 34.08 -24.74
N TYR D 22 -42.94 34.61 -25.86
CA TYR D 22 -43.57 35.77 -26.49
C TYR D 22 -44.11 35.39 -27.86
N GLY D 23 -45.30 35.88 -28.20
CA GLY D 23 -45.90 35.52 -29.49
C GLY D 23 -47.11 36.31 -29.95
N TYR D 24 -48.00 35.62 -30.69
CA TYR D 24 -49.13 36.26 -31.36
C TYR D 24 -50.44 35.46 -31.32
N HIS D 25 -51.55 36.20 -31.27
CA HIS D 25 -52.91 35.70 -31.48
C HIS D 25 -53.48 36.57 -32.59
N HIS D 26 -53.66 35.99 -33.78
CA HIS D 26 -54.20 36.72 -34.92
C HIS D 26 -55.69 36.43 -35.04
N GLU D 27 -56.38 37.19 -35.89
CA GLU D 27 -57.82 37.02 -36.06
C GLU D 27 -58.29 37.50 -37.42
N ASN D 28 -58.71 36.57 -38.28
CA ASN D 28 -59.16 36.90 -39.62
C ASN D 28 -60.26 35.99 -40.15
N SER D 29 -60.30 35.84 -41.47
CA SER D 29 -61.35 35.09 -42.13
C SER D 29 -61.15 33.57 -42.05
N GLN D 30 -59.90 33.13 -42.10
CA GLN D 30 -59.59 31.70 -42.07
C GLN D 30 -59.65 31.12 -40.66
N GLY D 31 -59.74 32.00 -39.68
CA GLY D 31 -59.80 31.58 -38.30
C GLY D 31 -58.62 32.07 -37.48
N SER D 32 -58.75 32.03 -36.17
CA SER D 32 -57.70 32.49 -35.27
C SER D 32 -56.80 31.35 -34.81
N GLY D 33 -55.91 31.67 -33.88
CA GLY D 33 -54.97 30.70 -33.35
C GLY D 33 -53.80 31.38 -32.66
N TYR D 34 -53.03 30.61 -31.90
CA TYR D 34 -51.86 31.13 -31.21
C TYR D 34 -50.57 30.62 -31.85
N ALA D 35 -49.54 31.47 -31.88
CA ALA D 35 -48.24 31.08 -32.43
C ALA D 35 -47.12 31.99 -31.91
N ALA D 36 -46.06 31.40 -31.38
CA ALA D 36 -45.00 32.16 -30.71
C ALA D 36 -43.89 32.66 -31.64
N ASP D 37 -43.40 33.86 -31.35
CA ASP D 37 -42.26 34.45 -32.04
C ASP D 37 -41.00 33.72 -31.62
N ARG D 38 -40.58 32.74 -32.43
CA ARG D 38 -39.45 31.90 -32.07
C ARG D 38 -38.12 32.64 -31.99
N GLU D 39 -38.01 33.76 -32.69
CA GLU D 39 -36.77 34.53 -32.76
C GLU D 39 -36.40 35.15 -31.40
N SER D 40 -37.20 36.11 -30.98
CA SER D 40 -36.97 36.80 -29.70
C SER D 40 -37.04 35.82 -28.53
N THR D 41 -37.90 34.81 -28.66
CA THR D 41 -38.02 33.76 -27.67
C THR D 41 -36.69 33.02 -27.52
N GLN D 42 -36.14 32.54 -28.63
CA GLN D 42 -34.88 31.81 -28.60
C GLN D 42 -33.72 32.69 -28.10
N LYS D 43 -33.77 33.98 -28.44
CA LYS D 43 -32.78 34.93 -27.93
C LYS D 43 -32.82 34.97 -26.40
N ALA D 44 -34.03 35.10 -25.85
CA ALA D 44 -34.22 35.09 -24.40
C ALA D 44 -33.77 33.78 -23.76
N ILE D 45 -34.10 32.66 -24.42
CA ILE D 45 -33.73 31.34 -23.93
C ILE D 45 -32.22 31.20 -23.83
N ASP D 46 -31.53 31.51 -24.92
CA ASP D 46 -30.07 31.43 -24.94
C ASP D 46 -29.45 32.34 -23.88
N GLY D 47 -29.92 33.58 -23.83
CA GLY D 47 -29.44 34.54 -22.84
C GLY D 47 -29.57 34.05 -21.40
N ILE D 48 -30.76 33.53 -21.07
CA ILE D 48 -31.05 33.11 -19.70
C ILE D 48 -30.34 31.81 -19.32
N THR D 49 -30.30 30.85 -20.25
CA THR D 49 -29.52 29.64 -20.06
C THR D 49 -28.07 30.02 -19.80
N ASN D 50 -27.60 31.02 -20.53
CA ASN D 50 -26.24 31.53 -20.32
C ASN D 50 -26.07 32.15 -18.93
N LYS D 51 -27.07 32.90 -18.47
CA LYS D 51 -27.01 33.51 -17.14
C LYS D 51 -26.92 32.44 -16.05
N VAL D 52 -27.81 31.46 -16.13
CA VAL D 52 -27.84 30.36 -15.17
C VAL D 52 -26.52 29.58 -15.18
N ASN D 53 -26.06 29.19 -16.36
CA ASN D 53 -24.80 28.47 -16.47
C ASN D 53 -23.61 29.28 -15.96
N SER D 54 -23.63 30.59 -16.17
CA SER D 54 -22.58 31.46 -15.66
C SER D 54 -22.58 31.50 -14.14
N ILE D 55 -23.77 31.62 -13.55
CA ILE D 55 -23.91 31.62 -12.10
C ILE D 55 -23.42 30.31 -11.47
N ILE D 56 -23.95 29.20 -11.97
CA ILE D 56 -23.53 27.88 -11.52
C ILE D 56 -22.02 27.70 -11.66
N ASN D 57 -21.46 28.23 -12.75
CA ASN D 57 -20.03 28.15 -13.01
C ASN D 57 -19.20 28.95 -11.98
N LYS D 58 -19.63 30.17 -11.71
CA LYS D 58 -18.91 31.04 -10.76
C LYS D 58 -19.06 30.53 -9.32
N MET D 59 -20.11 29.73 -9.08
CA MET D 59 -20.33 29.16 -7.76
C MET D 59 -19.65 27.80 -7.57
N ASN D 60 -18.78 27.43 -8.49
CA ASN D 60 -18.15 26.11 -8.47
C ASN D 60 -16.83 26.03 -7.72
N THR D 61 -16.86 26.44 -6.45
CA THR D 61 -15.76 26.21 -5.53
C THR D 61 -16.43 25.82 -4.21
N GLN D 62 -15.68 25.22 -3.31
CA GLN D 62 -16.24 24.88 -2.00
C GLN D 62 -15.23 25.11 -0.90
N PHE D 63 -15.55 26.01 0.03
CA PHE D 63 -14.76 26.09 1.26
C PHE D 63 -15.00 24.80 2.02
N GLU D 64 -13.92 24.18 2.51
CA GLU D 64 -14.06 22.90 3.16
C GLU D 64 -13.65 22.90 4.64
N ALA D 65 -14.60 22.56 5.51
CA ALA D 65 -14.33 22.47 6.94
C ALA D 65 -13.60 21.16 7.25
N VAL D 66 -13.02 21.06 8.44
CA VAL D 66 -12.33 19.82 8.82
C VAL D 66 -12.70 19.29 10.20
N ASP D 67 -12.53 17.98 10.34
CA ASP D 67 -12.88 17.24 11.55
C ASP D 67 -11.83 17.42 12.65
N HIS D 68 -10.90 18.33 12.44
CA HIS D 68 -9.75 18.50 13.33
C HIS D 68 -10.15 18.76 14.78
N GLU D 69 -9.48 18.08 15.70
CA GLU D 69 -9.77 18.20 17.13
C GLU D 69 -8.73 19.06 17.82
N PHE D 70 -9.17 19.82 18.82
CA PHE D 70 -8.27 20.69 19.57
C PHE D 70 -8.38 20.42 21.08
N SER D 71 -7.24 20.39 21.76
CA SER D 71 -7.21 19.96 23.16
C SER D 71 -7.74 21.01 24.15
N ASN D 72 -7.54 20.73 25.44
CA ASN D 72 -7.97 21.64 26.49
C ASN D 72 -7.16 22.92 26.52
N LEU D 73 -5.89 22.82 26.14
CA LEU D 73 -5.02 23.97 26.09
C LEU D 73 -4.93 24.53 24.68
N GLU D 74 -5.86 24.12 23.81
CA GLU D 74 -5.88 24.63 22.45
C GLU D 74 -7.16 25.41 22.18
N ARG D 75 -7.70 26.03 23.22
CA ARG D 75 -8.95 26.77 23.12
C ARG D 75 -8.91 27.85 22.03
N ARG D 76 -7.86 28.66 22.06
CA ARG D 76 -7.69 29.77 21.12
C ARG D 76 -7.68 29.39 19.64
N ILE D 77 -6.83 28.44 19.26
CA ILE D 77 -6.74 28.02 17.86
C ILE D 77 -8.02 27.30 17.39
N GLY D 78 -8.65 26.57 18.30
CA GLY D 78 -9.92 25.92 18.01
C GLY D 78 -10.99 26.94 17.70
N ASN D 79 -11.09 27.94 18.56
CA ASN D 79 -12.03 29.04 18.34
C ASN D 79 -11.69 29.84 17.08
N LEU D 80 -10.41 29.92 16.76
CA LEU D 80 -9.95 30.56 15.53
C LEU D 80 -10.52 29.81 14.34
N ASN D 81 -10.34 28.50 14.33
CA ASN D 81 -10.85 27.65 13.25
C ASN D 81 -12.37 27.75 13.11
N LYS D 82 -13.06 27.67 14.24
CA LYS D 82 -14.51 27.80 14.23
C LYS D 82 -14.92 29.13 13.62
N ARG D 83 -14.31 30.21 14.11
CA ARG D 83 -14.62 31.56 13.64
C ARG D 83 -14.39 31.69 12.14
N MET D 84 -13.34 31.06 11.64
CA MET D 84 -13.04 31.10 10.21
C MET D 84 -14.13 30.38 9.40
N GLU D 85 -14.43 29.14 9.78
CA GLU D 85 -15.43 28.33 9.09
C GLU D 85 -16.78 29.05 9.06
N ASP D 86 -17.21 29.52 10.22
CA ASP D 86 -18.43 30.30 10.31
C ASP D 86 -18.37 31.50 9.40
N GLY D 87 -17.28 32.26 9.48
CA GLY D 87 -17.09 33.45 8.65
C GLY D 87 -17.32 33.21 7.18
N PHE D 88 -16.52 32.33 6.59
CA PHE D 88 -16.69 31.94 5.19
C PHE D 88 -18.12 31.46 4.88
N LEU D 89 -18.69 30.68 5.79
CA LEU D 89 -20.06 30.20 5.64
C LEU D 89 -21.02 31.38 5.48
N ASP D 90 -20.85 32.38 6.33
CA ASP D 90 -21.67 33.59 6.30
C ASP D 90 -21.54 34.30 4.96
N VAL D 91 -20.30 34.51 4.50
CA VAL D 91 -20.14 35.23 3.23
C VAL D 91 -20.72 34.46 2.04
N TRP D 92 -20.60 33.14 2.03
CA TRP D 92 -21.16 32.39 0.91
C TRP D 92 -22.70 32.37 0.93
N THR D 93 -23.27 32.28 2.13
CA THR D 93 -24.72 32.37 2.29
C THR D 93 -25.25 33.71 1.76
N TYR D 94 -24.62 34.79 2.24
CA TYR D 94 -24.96 36.12 1.77
C TYR D 94 -24.88 36.23 0.26
N ASN D 95 -23.72 35.89 -0.31
CA ASN D 95 -23.50 35.98 -1.75
C ASN D 95 -24.59 35.25 -2.52
N ALA D 96 -24.89 34.03 -2.08
CA ALA D 96 -25.93 33.23 -2.70
C ALA D 96 -27.28 33.95 -2.69
N GLU D 97 -27.82 34.19 -1.50
CA GLU D 97 -29.16 34.78 -1.37
C GLU D 97 -29.30 36.11 -2.12
N LEU D 98 -28.32 36.98 -1.93
CA LEU D 98 -28.30 38.29 -2.58
C LEU D 98 -28.30 38.17 -4.11
N LEU D 99 -27.41 37.32 -4.62
CA LEU D 99 -27.32 37.09 -6.05
C LEU D 99 -28.65 36.60 -6.62
N VAL D 100 -29.28 35.68 -5.90
CA VAL D 100 -30.59 35.17 -6.30
C VAL D 100 -31.63 36.29 -6.40
N LEU D 101 -31.80 37.05 -5.33
CA LEU D 101 -32.80 38.12 -5.30
C LEU D 101 -32.59 39.12 -6.45
N LEU D 102 -31.36 39.62 -6.55
CA LEU D 102 -30.97 40.56 -7.61
C LEU D 102 -31.27 40.03 -9.02
N GLU D 103 -30.69 38.88 -9.34
CA GLU D 103 -30.83 38.30 -10.67
C GLU D 103 -32.28 37.98 -11.04
N ASN D 104 -33.09 37.60 -10.05
CA ASN D 104 -34.51 37.38 -10.29
C ASN D 104 -35.19 38.65 -10.80
N GLU D 105 -35.04 39.74 -10.05
CA GLU D 105 -35.58 41.03 -10.45
C GLU D 105 -35.14 41.39 -11.86
N ARG D 106 -33.84 41.30 -12.11
CA ARG D 106 -33.32 41.67 -13.43
C ARG D 106 -33.83 40.80 -14.57
N THR D 107 -34.09 39.53 -14.27
CA THR D 107 -34.62 38.59 -15.25
C THR D 107 -36.05 38.96 -15.63
N LEU D 108 -36.87 39.25 -14.62
CA LEU D 108 -38.23 39.71 -14.89
C LEU D 108 -38.23 40.99 -15.71
N ASP D 109 -37.38 41.95 -15.33
CA ASP D 109 -37.23 43.17 -16.12
C ASP D 109 -36.84 42.86 -17.57
N LEU D 110 -35.99 41.85 -17.75
CA LEU D 110 -35.60 41.40 -19.08
C LEU D 110 -36.80 40.92 -19.91
N HIS D 111 -37.61 40.04 -19.32
CA HIS D 111 -38.80 39.55 -20.02
C HIS D 111 -39.73 40.69 -20.43
N ASP D 112 -39.98 41.57 -19.46
CA ASP D 112 -40.80 42.76 -19.69
C ASP D 112 -40.27 43.55 -20.90
N ALA D 113 -38.98 43.81 -20.89
CA ALA D 113 -38.31 44.53 -21.98
C ALA D 113 -38.47 43.84 -23.32
N ASN D 114 -38.38 42.50 -23.32
CA ASN D 114 -38.57 41.76 -24.57
C ASN D 114 -39.98 41.93 -25.13
N VAL D 115 -40.98 41.82 -24.25
CA VAL D 115 -42.37 42.05 -24.68
C VAL D 115 -42.55 43.44 -25.27
N LYS D 116 -42.07 44.46 -24.54
CA LYS D 116 -42.16 45.84 -25.01
C LYS D 116 -41.48 46.04 -26.37
N ASN D 117 -40.30 45.46 -26.51
CA ASN D 117 -39.54 45.54 -27.76
C ASN D 117 -40.23 44.85 -28.94
N LEU D 118 -40.94 43.76 -28.66
CA LEU D 118 -41.71 43.09 -29.70
C LEU D 118 -42.90 43.96 -30.12
N TYR D 119 -43.60 44.50 -29.14
CA TYR D 119 -44.72 45.41 -29.39
C TYR D 119 -44.30 46.59 -30.25
N GLU D 120 -43.14 47.16 -29.93
CA GLU D 120 -42.60 48.27 -30.73
C GLU D 120 -42.16 47.81 -32.12
N LYS D 121 -41.61 46.60 -32.20
CA LYS D 121 -41.18 46.02 -33.47
C LYS D 121 -42.37 45.88 -34.42
N VAL D 122 -43.54 45.60 -33.84
CA VAL D 122 -44.78 45.53 -34.60
C VAL D 122 -45.29 46.92 -34.98
N LYS D 123 -45.42 47.79 -33.98
CA LYS D 123 -45.94 49.15 -34.20
C LYS D 123 -45.12 49.94 -35.22
N SER D 124 -43.84 49.61 -35.36
CA SER D 124 -42.99 50.33 -36.32
C SER D 124 -43.25 49.91 -37.77
N GLN D 125 -43.80 48.72 -37.97
CA GLN D 125 -44.15 48.27 -39.31
C GLN D 125 -45.51 48.79 -39.75
N LEU D 126 -46.54 48.50 -38.95
CA LEU D 126 -47.88 48.99 -39.21
C LEU D 126 -48.07 50.36 -38.57
N ARG D 127 -48.29 51.39 -39.38
CA ARG D 127 -48.46 52.74 -38.85
C ARG D 127 -49.85 53.31 -39.12
N ASP D 128 -50.26 53.35 -40.39
CA ASP D 128 -51.57 53.87 -40.75
C ASP D 128 -52.54 52.75 -41.10
N ASN D 129 -52.00 51.57 -41.36
CA ASN D 129 -52.81 50.44 -41.84
C ASN D 129 -53.57 49.72 -40.73
N ALA D 130 -53.44 50.21 -39.51
CA ALA D 130 -54.11 49.57 -38.38
C ALA D 130 -54.45 50.55 -37.27
N ASN D 131 -55.17 50.07 -36.27
CA ASN D 131 -55.61 50.89 -35.16
C ASN D 131 -55.09 50.36 -33.83
N ASP D 132 -54.25 51.15 -33.17
CA ASP D 132 -53.65 50.78 -31.89
C ASP D 132 -54.65 50.96 -30.75
N LEU D 133 -55.19 49.85 -30.24
CA LEU D 133 -56.15 49.89 -29.15
C LEU D 133 -55.50 50.34 -27.85
N GLY D 134 -54.19 50.14 -27.75
CA GLY D 134 -53.44 50.53 -26.57
C GLY D 134 -53.21 49.39 -25.61
N ASN D 135 -53.84 48.25 -25.87
CA ASN D 135 -53.67 47.07 -25.02
C ASN D 135 -52.95 45.93 -25.74
N GLY D 136 -52.07 46.29 -26.65
CA GLY D 136 -51.27 45.31 -27.38
C GLY D 136 -52.03 44.65 -28.51
N CYS D 137 -53.14 45.26 -28.91
CA CYS D 137 -53.93 44.76 -30.03
C CYS D 137 -54.08 45.81 -31.13
N PHE D 138 -54.06 45.35 -32.38
CA PHE D 138 -54.15 46.26 -33.52
C PHE D 138 -55.26 45.85 -34.48
N GLU D 139 -56.23 46.73 -34.68
CA GLU D 139 -57.37 46.45 -35.57
C GLU D 139 -57.16 47.01 -36.97
N PHE D 140 -56.94 46.13 -37.94
CA PHE D 140 -56.69 46.50 -39.32
C PHE D 140 -57.78 47.39 -39.92
N TRP D 141 -57.42 48.16 -40.94
CA TRP D 141 -58.40 48.87 -41.75
C TRP D 141 -58.66 48.09 -43.04
N HIS D 142 -57.60 47.48 -43.56
CA HIS D 142 -57.71 46.64 -44.75
C HIS D 142 -57.90 45.18 -44.36
N LYS D 143 -57.76 44.28 -45.33
CA LYS D 143 -57.89 42.85 -45.07
C LYS D 143 -56.53 42.17 -44.98
N CYS D 144 -56.45 41.09 -44.21
CA CYS D 144 -55.21 40.36 -44.03
C CYS D 144 -55.45 38.86 -43.87
N ASP D 145 -54.97 38.08 -44.83
CA ASP D 145 -55.18 36.64 -44.83
C ASP D 145 -54.11 35.89 -44.04
N ASN D 146 -53.56 34.84 -44.63
CA ASN D 146 -52.51 34.05 -43.99
C ASN D 146 -51.12 34.46 -44.43
N GLU D 147 -50.91 34.58 -45.74
CA GLU D 147 -49.64 35.08 -46.27
C GLU D 147 -49.44 36.55 -45.95
N CYS D 148 -50.48 37.17 -45.40
CA CYS D 148 -50.42 38.55 -44.94
C CYS D 148 -49.90 38.61 -43.50
N MET D 149 -50.52 37.83 -42.62
CA MET D 149 -50.10 37.75 -41.23
C MET D 149 -48.67 37.22 -41.15
N GLU D 150 -48.38 36.24 -42.00
CA GLU D 150 -47.06 35.60 -42.03
C GLU D 150 -45.96 36.58 -42.41
N SER D 151 -46.27 37.52 -43.29
CA SER D 151 -45.30 38.53 -43.73
C SER D 151 -44.94 39.44 -42.56
N VAL D 152 -45.94 39.79 -41.77
CA VAL D 152 -45.73 40.58 -40.56
C VAL D 152 -44.88 39.79 -39.57
N LYS D 153 -45.21 38.51 -39.43
CA LYS D 153 -44.50 37.64 -38.50
C LYS D 153 -43.03 37.46 -38.86
N ASN D 154 -42.74 37.18 -40.12
CA ASN D 154 -41.32 37.15 -40.53
C ASN D 154 -40.76 38.52 -40.91
N GLY D 155 -41.36 39.57 -40.33
CA GLY D 155 -40.82 40.92 -40.40
C GLY D 155 -40.79 41.58 -41.77
N THR D 156 -41.48 40.99 -42.75
CA THR D 156 -41.48 41.56 -44.09
C THR D 156 -42.86 42.03 -44.53
N TYR D 157 -43.43 42.96 -43.77
CA TYR D 157 -44.71 43.55 -44.10
C TYR D 157 -44.52 44.73 -45.05
N ASP D 158 -45.19 44.68 -46.20
CA ASP D 158 -45.09 45.75 -47.20
C ASP D 158 -46.14 46.82 -46.94
N TYR D 159 -45.73 47.87 -46.21
CA TYR D 159 -46.61 48.99 -45.88
C TYR D 159 -47.20 49.78 -47.06
N PRO D 160 -46.37 50.13 -48.07
CA PRO D 160 -46.89 50.88 -49.22
C PRO D 160 -48.07 50.21 -49.94
N LYS D 161 -48.08 48.88 -50.02
CA LYS D 161 -49.18 48.17 -50.67
C LYS D 161 -50.51 48.44 -49.98
N TYR D 162 -50.52 48.30 -48.65
CA TYR D 162 -51.76 48.41 -47.89
C TYR D 162 -52.06 49.82 -47.36
N GLN D 163 -51.18 50.78 -47.67
CA GLN D 163 -51.45 52.15 -47.24
C GLN D 163 -52.66 52.75 -47.96
N LYS D 164 -52.90 52.31 -49.21
CA LYS D 164 -54.06 52.76 -49.97
C LYS D 164 -55.31 51.98 -49.61
#